data_8XHV
#
_entry.id   8XHV
#
_cell.length_a   1.00
_cell.length_b   1.00
_cell.length_c   1.00
_cell.angle_alpha   90.00
_cell.angle_beta   90.00
_cell.angle_gamma   90.00
#
_symmetry.space_group_name_H-M   'P 1'
#
loop_
_entity.id
_entity.type
_entity.pdbx_description
1 polymer KmAgo
2 polymer 'guide DNA'
3 non-polymer 'MANGANESE (II) ION'
4 water water
#
loop_
_entity_poly.entity_id
_entity_poly.type
_entity_poly.pdbx_seq_one_letter_code
_entity_poly.pdbx_strand_id
1 'polypeptide(L)'
;MEAYITEMVSRERANELEVYVYVFPRKQSDNNYEGVYHIMRAWQRANDLPLAYNQHTIMAFSPVRHMCGYTPMETQKRHI
NIDSPFERALLERLIKNSLIFTAERHLHAKRVGHALRLNQVQQIRQVIIYEAIELYVNIIENRISIGFHLTHQFEYVYTL
QSMIEQGKTIRPGMRVVHSNGRQHYTYTVENVATYGVTDRCPLLQTSIYQYYVEKGAQHILRTFTRSTRVIHVRTKEQRL
SYAATLLKPLCTFETMQPQDVLNVSKCIKLSASKRMKCTYRWIQQLRAQYRHLTFAPNPFTIAQNGYKLDQLSTPKVHFH
RDYATVVSGMKTGKLYKGGNIKISVLFDEDFYLKHHITKKDIYQFIAVLQKIAIAQGVNMTISTSTKSITGKFTDDFFHH
FTEEVEALQPIFAQTTVLAFITSTHLSNKKTRSYQLLKQYFGGKWDIASQVITEKTIEAFQKILHKHGLKNFYPNDEQHC
LRVIDVLKNESFYYTVMNILLGVYVKSGIQPWILANTTHSDCFIGIDVSHENGNSAAGMMNVIGSQGHLIQQAPLNGILA
GEKIDDTLLANLLKQMIKAYHTQFQRFPKHITIHRDGFWREHTALVEKIMSHYEITYDIVEIIKKPNRRMAFFNSVDNTF
STRQGTVYQRGNEAFLCATNPQQKVGMAQPIKIHQVTKTLPFSHIIEDVYNLSFLHIHAMNKMRLPATIHYADLSATAYQ
RGQVMPRSGNQTNLPFV
;
A
2 'polydeoxyribonucleotide' (DT)(DG)(DA)(DG)(DG)(DT)(DA)(DG)(DT)(DA)(DG)(DG)(DT)(DT)(DG)(DT)(DA)(DT) B
#
# COMPACT_ATOMS: atom_id res chain seq x y z
N MET A 1 12.59 -28.16 7.84
CA MET A 1 13.22 -26.98 7.26
C MET A 1 12.76 -26.82 5.82
N GLU A 2 11.46 -26.58 5.65
CA GLU A 2 10.84 -26.62 4.34
C GLU A 2 9.92 -25.42 4.15
N ALA A 3 9.65 -25.10 2.89
CA ALA A 3 8.90 -23.90 2.54
C ALA A 3 7.40 -24.14 2.62
N TYR A 4 6.67 -23.09 2.98
CA TYR A 4 5.22 -23.14 3.15
C TYR A 4 4.60 -21.94 2.46
N ILE A 5 3.35 -22.09 2.03
CA ILE A 5 2.56 -21.00 1.50
C ILE A 5 1.14 -21.10 2.07
N THR A 6 0.43 -19.98 2.06
CA THR A 6 -0.96 -19.96 2.51
C THR A 6 -1.91 -20.27 1.35
N GLU A 7 -1.77 -21.49 0.83
CA GLU A 7 -2.62 -21.99 -0.25
C GLU A 7 -2.82 -23.49 -0.06
N MET A 8 -3.91 -24.00 -0.64
CA MET A 8 -4.17 -25.44 -0.74
C MET A 8 -4.60 -25.79 -2.16
N VAL A 9 -4.21 -26.99 -2.60
CA VAL A 9 -4.63 -27.52 -3.89
C VAL A 9 -5.50 -28.74 -3.64
N SER A 10 -6.70 -28.71 -4.21
CA SER A 10 -7.67 -29.79 -4.01
C SER A 10 -7.23 -31.07 -4.71
N ARG A 11 -7.53 -32.20 -4.08
CA ARG A 11 -7.21 -33.52 -4.61
C ARG A 11 -8.17 -33.96 -5.71
N GLU A 12 -9.30 -33.29 -5.88
CA GLU A 12 -10.21 -33.54 -6.98
C GLU A 12 -9.78 -32.74 -8.21
N ARG A 13 -10.58 -32.77 -9.27
CA ARG A 13 -10.31 -31.99 -10.48
C ARG A 13 -11.54 -31.15 -10.80
N ALA A 14 -11.31 -30.06 -11.53
CA ALA A 14 -12.40 -29.12 -11.81
C ALA A 14 -13.53 -29.77 -12.58
N ASN A 15 -13.23 -30.73 -13.45
CA ASN A 15 -14.26 -31.40 -14.24
C ASN A 15 -14.67 -32.76 -13.69
N GLU A 16 -14.20 -33.13 -12.50
CA GLU A 16 -14.62 -34.37 -11.86
C GLU A 16 -15.63 -34.15 -10.75
N LEU A 17 -16.13 -32.93 -10.59
CA LEU A 17 -17.18 -32.62 -9.62
C LEU A 17 -18.54 -32.70 -10.28
N GLU A 18 -19.48 -33.33 -9.60
CA GLU A 18 -20.85 -33.49 -10.06
C GLU A 18 -21.70 -32.36 -9.48
N VAL A 19 -22.16 -31.46 -10.33
CA VAL A 19 -22.90 -30.29 -9.89
C VAL A 19 -24.21 -30.22 -10.64
N TYR A 20 -25.16 -29.46 -10.07
CA TYR A 20 -26.48 -29.29 -10.64
C TYR A 20 -26.58 -27.88 -11.21
N VAL A 21 -27.08 -27.77 -12.43
CA VAL A 21 -27.13 -26.50 -13.15
C VAL A 21 -28.57 -26.20 -13.51
N TYR A 22 -29.00 -24.97 -13.23
CA TYR A 22 -30.33 -24.49 -13.57
C TYR A 22 -30.20 -23.25 -14.45
N VAL A 23 -31.04 -23.16 -15.47
CA VAL A 23 -30.99 -22.08 -16.44
C VAL A 23 -32.33 -21.36 -16.44
N PHE A 24 -32.28 -20.04 -16.37
CA PHE A 24 -33.45 -19.18 -16.38
C PHE A 24 -33.38 -18.20 -17.55
N PRO A 25 -34.53 -17.69 -18.03
CA PRO A 25 -34.52 -16.81 -19.20
C PRO A 25 -33.81 -15.49 -18.94
N VAL A 36 -30.93 -12.76 -11.75
CA VAL A 36 -31.66 -13.82 -11.07
C VAL A 36 -31.21 -13.92 -9.61
N TYR A 37 -30.85 -12.77 -9.02
CA TYR A 37 -30.44 -12.75 -7.63
C TYR A 37 -31.57 -13.21 -6.70
N HIS A 38 -32.79 -12.73 -6.96
CA HIS A 38 -33.89 -12.99 -6.03
C HIS A 38 -34.28 -14.46 -6.01
N ILE A 39 -34.15 -15.16 -7.15
CA ILE A 39 -34.40 -16.60 -7.15
C ILE A 39 -33.43 -17.30 -6.22
N MET A 40 -32.15 -16.93 -6.29
CA MET A 40 -31.15 -17.54 -5.42
C MET A 40 -31.42 -17.21 -3.96
N ARG A 41 -31.80 -15.97 -3.66
CA ARG A 41 -32.09 -15.61 -2.27
C ARG A 41 -33.27 -16.41 -1.74
N ALA A 42 -34.33 -16.55 -2.53
CA ALA A 42 -35.47 -17.36 -2.10
C ALA A 42 -35.07 -18.81 -1.90
N TRP A 43 -34.25 -19.35 -2.80
CA TRP A 43 -33.84 -20.75 -2.67
C TRP A 43 -32.99 -20.96 -1.42
N GLN A 44 -32.08 -20.03 -1.13
CA GLN A 44 -31.27 -20.13 0.07
C GLN A 44 -32.14 -20.01 1.32
N ARG A 45 -33.14 -19.14 1.29
CA ARG A 45 -34.02 -19.01 2.44
C ARG A 45 -34.82 -20.30 2.67
N ALA A 46 -35.30 -20.91 1.60
CA ALA A 46 -36.19 -22.05 1.75
C ALA A 46 -35.45 -23.35 2.03
N ASN A 47 -34.28 -23.55 1.41
CA ASN A 47 -33.65 -24.87 1.38
C ASN A 47 -32.43 -25.00 2.27
N ASP A 48 -31.78 -23.90 2.65
CA ASP A 48 -30.59 -23.94 3.49
C ASP A 48 -29.47 -24.75 2.84
N LEU A 49 -29.02 -24.26 1.69
CA LEU A 49 -27.94 -24.84 0.92
C LEU A 49 -27.02 -23.75 0.39
N PRO A 50 -25.76 -24.07 0.14
CA PRO A 50 -24.87 -23.13 -0.57
C PRO A 50 -25.16 -23.13 -2.06
N LEU A 51 -25.26 -21.95 -2.65
CA LEU A 51 -25.52 -21.79 -4.07
C LEU A 51 -24.58 -20.75 -4.65
N ALA A 52 -24.72 -20.51 -5.95
CA ALA A 52 -23.98 -19.45 -6.63
C ALA A 52 -24.76 -19.08 -7.89
N TYR A 53 -24.54 -17.87 -8.37
CA TYR A 53 -25.27 -17.39 -9.54
C TYR A 53 -24.28 -16.80 -10.53
N ASN A 54 -24.75 -16.59 -11.75
CA ASN A 54 -24.09 -15.70 -12.69
C ASN A 54 -25.22 -15.14 -13.54
N GLN A 55 -24.91 -14.62 -14.73
CA GLN A 55 -25.94 -13.92 -15.52
C GLN A 55 -27.31 -14.59 -15.49
N HIS A 56 -27.40 -15.86 -15.88
CA HIS A 56 -28.71 -16.51 -15.85
C HIS A 56 -28.63 -17.97 -15.42
N THR A 57 -27.64 -18.33 -14.61
CA THR A 57 -27.42 -19.72 -14.25
C THR A 57 -27.21 -19.85 -12.76
N ILE A 58 -27.70 -20.96 -12.20
CA ILE A 58 -27.53 -21.29 -10.78
C ILE A 58 -26.86 -22.66 -10.71
N MET A 59 -25.84 -22.77 -9.87
CA MET A 59 -25.11 -24.02 -9.68
C MET A 59 -25.20 -24.44 -8.22
N ALA A 60 -25.30 -25.74 -7.98
CA ALA A 60 -25.42 -26.26 -6.63
C ALA A 60 -24.75 -27.63 -6.55
N PHE A 61 -24.32 -28.00 -5.33
CA PHE A 61 -23.81 -29.33 -5.07
C PHE A 61 -24.90 -30.35 -4.75
N SER A 62 -26.12 -29.91 -4.49
CA SER A 62 -27.22 -30.80 -4.15
C SER A 62 -28.49 -30.25 -4.76
N PRO A 63 -29.47 -31.11 -5.05
CA PRO A 63 -30.70 -30.62 -5.67
C PRO A 63 -31.49 -29.74 -4.72
N VAL A 64 -32.17 -28.75 -5.29
CA VAL A 64 -32.99 -27.83 -4.50
C VAL A 64 -34.41 -28.41 -4.42
N ARG A 65 -34.87 -28.66 -3.19
CA ARG A 65 -36.15 -29.33 -2.99
C ARG A 65 -37.32 -28.41 -3.34
N HIS A 66 -37.30 -27.18 -2.82
CA HIS A 66 -38.42 -26.26 -2.98
C HIS A 66 -38.03 -25.17 -3.97
N MET A 67 -38.80 -25.06 -5.05
CA MET A 67 -38.52 -24.10 -6.11
C MET A 67 -39.04 -22.71 -5.80
N CYS A 68 -39.85 -22.56 -4.76
CA CYS A 68 -40.47 -21.27 -4.40
C CYS A 68 -41.22 -20.67 -5.59
N GLY A 69 -41.94 -21.53 -6.30
CA GLY A 69 -42.74 -21.08 -7.44
C GLY A 69 -41.94 -20.56 -8.61
N TYR A 70 -40.83 -21.23 -8.95
CA TYR A 70 -40.01 -20.87 -10.10
C TYR A 70 -39.72 -22.13 -10.92
N THR A 71 -39.76 -21.99 -12.24
CA THR A 71 -39.58 -23.13 -13.15
C THR A 71 -38.43 -22.89 -14.11
N PRO A 72 -37.26 -23.47 -13.87
CA PRO A 72 -36.19 -23.42 -14.87
C PRO A 72 -36.57 -24.22 -16.11
N MET A 73 -36.06 -23.76 -17.26
CA MET A 73 -36.32 -24.49 -18.50
C MET A 73 -35.71 -25.89 -18.46
N GLU A 74 -34.50 -26.01 -17.95
CA GLU A 74 -33.77 -27.27 -17.98
C GLU A 74 -32.87 -27.39 -16.77
N THR A 75 -32.70 -28.62 -16.30
CA THR A 75 -31.85 -28.95 -15.16
C THR A 75 -30.90 -30.08 -15.55
N GLN A 76 -29.63 -29.93 -15.22
CA GLN A 76 -28.65 -30.96 -15.50
C GLN A 76 -27.87 -31.27 -14.24
N LYS A 77 -27.52 -32.55 -14.06
CA LYS A 77 -26.46 -32.94 -13.15
C LYS A 77 -25.33 -33.44 -14.04
N ARG A 78 -24.16 -32.80 -13.94
CA ARG A 78 -23.12 -33.01 -14.93
C ARG A 78 -21.80 -32.48 -14.40
N HIS A 79 -20.82 -32.40 -15.30
CA HIS A 79 -19.52 -31.80 -15.04
C HIS A 79 -19.40 -30.53 -15.85
N ILE A 80 -18.61 -29.60 -15.36
CA ILE A 80 -18.45 -28.32 -16.04
C ILE A 80 -17.59 -28.51 -17.28
N ASN A 81 -17.67 -27.54 -18.19
CA ASN A 81 -16.77 -27.48 -19.33
C ASN A 81 -15.62 -26.54 -18.98
N ILE A 82 -14.42 -27.09 -18.86
CA ILE A 82 -13.27 -26.32 -18.40
C ILE A 82 -12.72 -25.45 -19.53
N ASP A 83 -13.35 -25.53 -20.69
CA ASP A 83 -13.00 -24.66 -21.81
C ASP A 83 -13.80 -23.37 -21.82
N SER A 84 -14.71 -23.19 -20.88
CA SER A 84 -15.54 -21.99 -20.78
C SER A 84 -15.16 -21.21 -19.52
N PRO A 85 -14.72 -19.96 -19.64
CA PRO A 85 -14.46 -19.16 -18.43
C PRO A 85 -15.71 -18.95 -17.57
N PHE A 86 -16.89 -18.90 -18.20
CA PHE A 86 -18.14 -18.76 -17.48
C PHE A 86 -18.28 -19.82 -16.39
N GLU A 87 -18.20 -21.10 -16.77
CA GLU A 87 -18.49 -22.16 -15.82
C GLU A 87 -17.38 -22.33 -14.80
N ARG A 88 -16.14 -22.04 -15.17
CA ARG A 88 -15.06 -22.07 -14.20
C ARG A 88 -15.23 -20.99 -13.14
N ALA A 89 -15.63 -19.78 -13.54
CA ALA A 89 -15.92 -18.74 -12.56
C ALA A 89 -17.09 -19.14 -11.68
N LEU A 90 -18.14 -19.73 -12.27
CA LEU A 90 -19.29 -20.15 -11.49
C LEU A 90 -18.91 -21.21 -10.46
N LEU A 91 -18.07 -22.16 -10.85
CA LEU A 91 -17.64 -23.19 -9.91
C LEU A 91 -16.77 -22.60 -8.81
N GLU A 92 -15.94 -21.61 -9.14
CA GLU A 92 -15.16 -20.93 -8.11
C GLU A 92 -16.06 -20.23 -7.10
N ARG A 93 -17.10 -19.55 -7.59
CA ARG A 93 -18.04 -18.90 -6.69
C ARG A 93 -18.78 -19.92 -5.82
N LEU A 94 -19.18 -21.05 -6.40
CA LEU A 94 -19.86 -22.08 -5.62
C LEU A 94 -18.95 -22.64 -4.53
N ILE A 95 -17.69 -22.89 -4.85
CA ILE A 95 -16.76 -23.41 -3.84
C ILE A 95 -16.56 -22.40 -2.72
N LYS A 96 -16.41 -21.12 -3.09
CA LYS A 96 -16.22 -20.09 -2.07
C LYS A 96 -17.44 -19.97 -1.16
N ASN A 97 -18.64 -19.98 -1.75
CA ASN A 97 -19.85 -19.87 -0.97
C ASN A 97 -20.07 -21.09 -0.07
N SER A 98 -19.74 -22.28 -0.57
CA SER A 98 -19.86 -23.47 0.26
C SER A 98 -18.90 -23.42 1.43
N LEU A 99 -17.67 -22.95 1.22
CA LEU A 99 -16.72 -22.81 2.32
C LEU A 99 -17.22 -21.80 3.34
N ILE A 100 -17.76 -20.68 2.89
CA ILE A 100 -18.31 -19.67 3.80
C ILE A 100 -19.47 -20.26 4.61
N PHE A 101 -20.36 -20.99 3.95
CA PHE A 101 -21.49 -21.63 4.62
C PHE A 101 -21.02 -22.59 5.71
N THR A 102 -20.04 -23.44 5.38
CA THR A 102 -19.49 -24.35 6.39
C THR A 102 -18.92 -23.58 7.56
N ALA A 103 -18.17 -22.50 7.28
CA ALA A 103 -17.55 -21.72 8.36
C ALA A 103 -18.61 -21.11 9.26
N GLU A 104 -19.68 -20.57 8.67
CA GLU A 104 -20.73 -19.95 9.45
C GLU A 104 -21.41 -20.96 10.35
N ARG A 105 -21.70 -22.16 9.85
CA ARG A 105 -22.46 -23.09 10.68
C ARG A 105 -21.60 -23.85 11.69
N HIS A 106 -20.42 -24.33 11.31
CA HIS A 106 -19.70 -25.26 12.17
C HIS A 106 -18.57 -24.62 12.96
N LEU A 107 -18.22 -23.36 12.70
CA LEU A 107 -17.11 -22.72 13.38
C LEU A 107 -17.47 -21.40 14.03
N HIS A 108 -18.72 -20.96 13.94
CA HIS A 108 -19.16 -19.70 14.53
C HIS A 108 -18.36 -18.52 13.97
N ALA A 109 -18.55 -18.28 12.68
CA ALA A 109 -17.98 -17.15 11.97
C ALA A 109 -19.09 -16.27 11.45
N LYS A 110 -18.76 -15.01 11.20
CA LYS A 110 -19.72 -14.04 10.70
C LYS A 110 -19.11 -13.30 9.52
N ARG A 111 -19.95 -12.98 8.54
CA ARG A 111 -19.50 -12.33 7.31
C ARG A 111 -19.62 -10.82 7.48
N VAL A 112 -18.49 -10.15 7.67
CA VAL A 112 -18.42 -8.71 7.88
C VAL A 112 -17.62 -8.11 6.75
N GLY A 113 -18.25 -7.25 5.95
CA GLY A 113 -17.60 -6.69 4.79
C GLY A 113 -17.24 -7.78 3.79
N HIS A 114 -15.95 -7.91 3.48
CA HIS A 114 -15.42 -9.03 2.69
C HIS A 114 -14.32 -9.70 3.51
N ALA A 115 -14.75 -10.54 4.45
CA ALA A 115 -13.92 -11.34 5.35
C ALA A 115 -14.89 -12.10 6.24
N LEU A 116 -14.34 -12.97 7.07
CA LEU A 116 -15.13 -13.70 8.06
C LEU A 116 -14.59 -13.36 9.44
N ARG A 117 -15.42 -12.75 10.28
CA ARG A 117 -15.01 -12.45 11.64
C ARG A 117 -14.96 -13.73 12.46
N LEU A 118 -13.96 -13.82 13.33
CA LEU A 118 -13.71 -15.03 14.11
C LEU A 118 -13.68 -14.70 15.60
N ASN A 119 -13.13 -15.60 16.40
CA ASN A 119 -13.12 -15.41 17.85
C ASN A 119 -12.37 -14.14 18.25
N GLN A 120 -12.88 -13.49 19.30
CA GLN A 120 -12.22 -12.36 19.91
C GLN A 120 -10.92 -12.78 20.57
N VAL A 121 -9.90 -11.93 20.48
CA VAL A 121 -8.57 -12.28 20.98
C VAL A 121 -8.07 -11.34 22.08
N GLN A 122 -8.60 -10.14 22.20
CA GLN A 122 -8.04 -9.19 23.16
C GLN A 122 -9.01 -8.03 23.33
N GLN A 123 -9.10 -7.52 24.56
CA GLN A 123 -9.91 -6.33 24.85
C GLN A 123 -9.05 -5.30 25.58
N ILE A 124 -8.97 -4.10 25.01
CA ILE A 124 -8.10 -3.04 25.52
C ILE A 124 -8.95 -1.77 25.67
N ARG A 125 -9.44 -1.52 26.88
CA ARG A 125 -10.08 -0.26 27.25
C ARG A 125 -11.27 0.05 26.34
N GLN A 126 -12.27 -0.82 26.44
CA GLN A 126 -13.52 -0.70 25.69
C GLN A 126 -13.31 -0.87 24.19
N VAL A 127 -12.23 -1.53 23.80
CA VAL A 127 -11.94 -1.84 22.40
C VAL A 127 -11.78 -3.35 22.29
N ILE A 128 -12.51 -3.97 21.36
CA ILE A 128 -12.43 -5.40 21.13
C ILE A 128 -11.68 -5.65 19.82
N ILE A 129 -10.79 -6.63 19.83
CA ILE A 129 -10.03 -7.04 18.65
C ILE A 129 -10.48 -8.44 18.26
N TYR A 130 -10.97 -8.59 17.04
CA TYR A 130 -11.40 -9.86 16.49
C TYR A 130 -10.45 -10.30 15.39
N GLU A 131 -10.10 -11.59 15.39
CA GLU A 131 -9.41 -12.16 14.25
C GLU A 131 -10.38 -12.37 13.09
N ALA A 132 -9.84 -12.31 11.88
CA ALA A 132 -10.63 -12.48 10.68
C ALA A 132 -9.81 -13.25 9.67
N ILE A 133 -10.46 -13.67 8.59
CA ILE A 133 -9.79 -14.38 7.51
C ILE A 133 -10.60 -14.21 6.24
N GLU A 134 -9.91 -14.19 5.11
CA GLU A 134 -10.54 -14.05 3.81
C GLU A 134 -9.97 -15.11 2.86
N LEU A 135 -10.82 -15.55 1.93
CA LEU A 135 -10.58 -16.75 1.15
C LEU A 135 -10.71 -16.44 -0.33
N TYR A 136 -9.92 -17.15 -1.15
CA TYR A 136 -9.88 -16.95 -2.59
C TYR A 136 -9.86 -18.30 -3.27
N VAL A 137 -10.59 -18.43 -4.38
CA VAL A 137 -10.69 -19.68 -5.13
C VAL A 137 -10.38 -19.42 -6.59
N ASN A 138 -9.43 -20.17 -7.14
CA ASN A 138 -9.03 -20.08 -8.54
C ASN A 138 -8.83 -21.47 -9.11
N ILE A 139 -9.14 -21.62 -10.40
CA ILE A 139 -8.95 -22.87 -11.13
C ILE A 139 -7.73 -22.68 -12.02
N ILE A 140 -6.66 -23.42 -11.72
CA ILE A 140 -5.39 -23.29 -12.45
C ILE A 140 -5.22 -24.57 -13.25
N GLU A 141 -5.72 -24.56 -14.49
CA GLU A 141 -5.54 -25.65 -15.44
C GLU A 141 -6.08 -26.97 -14.87
N ASN A 142 -7.40 -26.97 -14.66
CA ASN A 142 -8.15 -28.13 -14.17
C ASN A 142 -7.75 -28.55 -12.76
N ARG A 143 -7.16 -27.65 -11.98
CA ARG A 143 -6.90 -27.88 -10.58
C ARG A 143 -7.53 -26.75 -9.78
N ILE A 144 -7.97 -27.05 -8.56
CA ILE A 144 -8.64 -26.07 -7.71
C ILE A 144 -7.70 -25.67 -6.59
N SER A 145 -7.44 -24.37 -6.48
CA SER A 145 -6.57 -23.81 -5.47
C SER A 145 -7.35 -22.85 -4.58
N ILE A 146 -7.11 -22.94 -3.28
CA ILE A 146 -7.77 -22.10 -2.28
C ILE A 146 -6.69 -21.33 -1.53
N GLY A 147 -6.76 -19.99 -1.61
CA GLY A 147 -5.83 -19.11 -0.93
C GLY A 147 -6.51 -18.36 0.20
N PHE A 148 -5.75 -18.09 1.26
CA PHE A 148 -6.30 -17.57 2.50
C PHE A 148 -5.33 -16.63 3.22
N HIS A 149 -5.89 -15.54 3.78
CA HIS A 149 -5.15 -14.44 4.40
C HIS A 149 -5.78 -14.06 5.73
N LEU A 150 -4.96 -13.89 6.77
CA LEU A 150 -5.42 -13.52 8.10
C LEU A 150 -5.29 -12.01 8.33
N THR A 151 -6.22 -11.47 9.10
CA THR A 151 -6.30 -10.03 9.37
C THR A 151 -6.94 -9.83 10.74
N HIS A 152 -7.33 -8.59 11.04
CA HIS A 152 -7.91 -8.23 12.33
C HIS A 152 -9.05 -7.24 12.14
N GLN A 153 -9.97 -7.23 13.11
CA GLN A 153 -11.10 -6.32 13.10
C GLN A 153 -11.32 -5.77 14.50
N PHE A 154 -11.98 -4.61 14.58
CA PHE A 154 -12.10 -3.85 15.82
C PHE A 154 -13.54 -3.42 16.05
N GLU A 155 -13.98 -3.49 17.30
CA GLU A 155 -15.33 -3.11 17.69
C GLU A 155 -15.30 -2.48 19.07
N TYR A 156 -16.19 -1.51 19.28
CA TYR A 156 -16.37 -0.89 20.59
C TYR A 156 -17.21 -1.78 21.48
N VAL A 157 -17.53 -1.29 22.68
CA VAL A 157 -18.34 -2.07 23.60
C VAL A 157 -19.63 -1.34 23.91
N TYR A 158 -19.59 -0.01 23.87
CA TYR A 158 -20.71 0.80 24.33
C TYR A 158 -21.60 1.21 23.16
N THR A 159 -22.91 1.14 23.39
CA THR A 159 -23.87 1.58 22.39
C THR A 159 -24.03 3.10 22.45
N LEU A 160 -24.86 3.61 21.53
CA LEU A 160 -25.12 5.05 21.51
C LEU A 160 -26.04 5.47 22.64
N GLN A 161 -26.89 4.57 23.14
CA GLN A 161 -27.70 4.89 24.30
C GLN A 161 -26.83 5.12 25.54
N SER A 162 -25.84 4.25 25.74
CA SER A 162 -24.87 4.49 26.81
C SER A 162 -24.12 5.79 26.58
N MET A 163 -23.80 6.11 25.33
CA MET A 163 -23.06 7.34 25.03
C MET A 163 -23.90 8.57 25.36
N ILE A 164 -25.19 8.55 25.03
CA ILE A 164 -26.04 9.70 25.34
C ILE A 164 -26.30 9.78 26.84
N GLU A 165 -26.32 8.64 27.53
CA GLU A 165 -26.44 8.66 28.99
C GLU A 165 -25.22 9.28 29.64
N GLN A 166 -24.02 8.99 29.13
CA GLN A 166 -22.79 9.51 29.74
C GLN A 166 -22.63 11.01 29.60
N GLY A 167 -23.46 11.66 28.77
CA GLY A 167 -23.39 13.10 28.59
C GLY A 167 -22.76 13.56 27.29
N LYS A 168 -22.38 12.65 26.41
CA LYS A 168 -21.85 13.05 25.11
C LYS A 168 -22.99 13.50 24.20
N THR A 169 -22.61 14.08 23.06
CA THR A 169 -23.57 14.61 22.10
C THR A 169 -23.37 13.93 20.75
N ILE A 170 -24.46 13.41 20.20
CA ILE A 170 -24.42 12.79 18.88
C ILE A 170 -24.35 13.87 17.81
N ARG A 171 -23.55 13.62 16.78
CA ARG A 171 -23.30 14.60 15.73
C ARG A 171 -23.59 14.01 14.36
N PRO A 172 -23.98 14.83 13.40
CA PRO A 172 -24.18 14.32 12.04
C PRO A 172 -22.85 13.91 11.42
N GLY A 173 -22.93 12.97 10.48
CA GLY A 173 -21.77 12.53 9.75
C GLY A 173 -20.96 11.43 10.41
N MET A 174 -21.31 11.01 11.61
CA MET A 174 -20.61 9.92 12.26
C MET A 174 -21.10 8.58 11.73
N ARG A 175 -20.16 7.67 11.51
CA ARG A 175 -20.45 6.34 10.98
C ARG A 175 -20.68 5.38 12.13
N VAL A 176 -21.77 4.60 12.06
CA VAL A 176 -22.15 3.67 13.11
C VAL A 176 -22.43 2.30 12.50
N VAL A 177 -22.39 1.30 13.37
CA VAL A 177 -22.52 -0.10 12.98
C VAL A 177 -23.62 -0.76 13.80
N HIS A 178 -24.44 -1.57 13.13
CA HIS A 178 -25.42 -2.43 13.77
C HIS A 178 -24.88 -3.86 13.73
N SER A 179 -24.55 -4.41 14.90
CA SER A 179 -23.92 -5.71 14.99
C SER A 179 -24.73 -6.64 15.87
N ASN A 180 -24.97 -7.86 15.38
CA ASN A 180 -25.61 -8.91 16.14
C ASN A 180 -24.95 -10.23 15.75
N GLY A 181 -25.52 -11.32 16.24
CA GLY A 181 -25.15 -12.64 15.73
C GLY A 181 -25.61 -12.81 14.31
N ARG A 182 -24.68 -13.10 13.40
CA ARG A 182 -24.95 -13.32 11.98
C ARG A 182 -25.51 -12.09 11.28
N GLN A 183 -25.30 -10.90 11.84
CA GLN A 183 -25.75 -9.67 11.22
C GLN A 183 -24.67 -8.60 11.39
N HIS A 184 -24.54 -7.74 10.39
CA HIS A 184 -23.59 -6.62 10.44
C HIS A 184 -23.95 -5.62 9.35
N TYR A 185 -24.16 -4.36 9.74
CA TYR A 185 -24.55 -3.32 8.81
C TYR A 185 -23.83 -2.02 9.17
N THR A 186 -23.57 -1.21 8.14
CA THR A 186 -22.83 0.04 8.29
C THR A 186 -23.69 1.21 7.86
N TYR A 187 -23.69 2.27 8.67
CA TYR A 187 -24.57 3.41 8.45
C TYR A 187 -23.84 4.70 8.80
N THR A 188 -24.46 5.82 8.44
CA THR A 188 -23.99 7.15 8.81
C THR A 188 -25.11 7.90 9.52
N VAL A 189 -24.78 8.53 10.65
CA VAL A 189 -25.79 9.23 11.44
C VAL A 189 -26.29 10.45 10.67
N GLU A 190 -27.61 10.58 10.58
CA GLU A 190 -28.23 11.73 9.93
C GLU A 190 -28.57 12.82 10.93
N ASN A 191 -29.43 12.51 11.90
CA ASN A 191 -29.83 13.45 12.92
C ASN A 191 -30.59 12.69 14.01
N VAL A 192 -30.44 13.14 15.25
CA VAL A 192 -31.14 12.53 16.37
C VAL A 192 -32.59 13.01 16.34
N ALA A 193 -33.52 12.07 16.34
CA ALA A 193 -34.95 12.39 16.30
C ALA A 193 -35.53 12.37 17.70
N THR A 194 -36.57 13.17 17.91
CA THR A 194 -37.27 13.26 19.18
C THR A 194 -38.58 12.49 19.18
N TYR A 195 -38.81 11.63 18.18
CA TYR A 195 -40.06 10.89 18.11
C TYR A 195 -40.23 9.97 19.31
N GLY A 196 -39.18 9.23 19.66
CA GLY A 196 -39.27 8.24 20.72
C GLY A 196 -39.84 6.92 20.24
N VAL A 197 -39.63 5.89 21.06
CA VAL A 197 -40.10 4.55 20.70
C VAL A 197 -41.62 4.51 20.66
N THR A 198 -42.27 5.14 21.63
CA THR A 198 -43.72 5.03 21.76
C THR A 198 -44.44 5.61 20.54
N ASP A 199 -44.02 6.79 20.09
CA ASP A 199 -44.66 7.41 18.94
C ASP A 199 -44.35 6.63 17.67
N ARG A 200 -45.32 6.59 16.76
CA ARG A 200 -45.13 5.88 15.50
C ARG A 200 -44.09 6.60 14.66
N CYS A 201 -43.20 5.83 14.04
CA CYS A 201 -42.24 6.41 13.12
C CYS A 201 -42.93 6.73 11.80
N PRO A 202 -42.60 7.87 11.17
CA PRO A 202 -43.30 8.26 9.92
C PRO A 202 -43.19 7.22 8.82
N LEU A 203 -41.97 6.83 8.46
CA LEU A 203 -41.80 5.87 7.37
C LEU A 203 -42.15 4.45 7.79
N LEU A 204 -41.95 4.12 9.07
CA LEU A 204 -42.19 2.75 9.53
C LEU A 204 -43.66 2.40 9.60
N GLN A 205 -44.56 3.37 9.43
CA GLN A 205 -46.01 3.22 9.48
C GLN A 205 -46.51 2.90 10.89
N THR A 206 -45.61 2.75 11.85
CA THR A 206 -45.97 2.40 13.23
C THR A 206 -44.76 2.71 14.11
N SER A 207 -44.83 2.28 15.37
CA SER A 207 -43.74 2.50 16.30
C SER A 207 -42.69 1.40 16.17
N ILE A 208 -41.50 1.68 16.70
CA ILE A 208 -40.43 0.69 16.70
C ILE A 208 -40.83 -0.52 17.53
N TYR A 209 -41.44 -0.29 18.69
CA TYR A 209 -41.91 -1.38 19.53
C TYR A 209 -42.91 -2.25 18.80
N GLN A 210 -43.87 -1.62 18.10
CA GLN A 210 -44.85 -2.38 17.34
C GLN A 210 -44.19 -3.15 16.19
N TYR A 211 -43.25 -2.51 15.49
CA TYR A 211 -42.55 -3.20 14.42
C TYR A 211 -41.84 -4.45 14.93
N TYR A 212 -41.15 -4.32 16.06
CA TYR A 212 -40.42 -5.47 16.59
C TYR A 212 -41.36 -6.55 17.10
N VAL A 213 -42.44 -6.17 17.79
CA VAL A 213 -43.36 -7.18 18.30
C VAL A 213 -44.06 -7.89 17.15
N GLU A 214 -44.34 -7.18 16.05
CA GLU A 214 -44.84 -7.85 14.85
C GLU A 214 -43.80 -8.81 14.29
N LYS A 215 -42.54 -8.39 14.26
CA LYS A 215 -41.46 -9.25 13.78
C LYS A 215 -41.00 -10.25 14.83
N GLY A 216 -41.45 -10.11 16.07
CA GLY A 216 -41.00 -10.99 17.14
C GLY A 216 -40.27 -10.22 18.24
N ALA A 217 -40.82 -10.25 19.45
CA ALA A 217 -40.23 -9.48 20.54
C ALA A 217 -38.81 -9.96 20.85
N GLN A 218 -38.64 -11.27 21.01
CA GLN A 218 -37.33 -11.90 21.23
C GLN A 218 -36.70 -11.26 22.47
N HIS A 219 -35.39 -10.99 22.47
CA HIS A 219 -34.71 -10.39 23.60
C HIS A 219 -34.33 -8.94 23.34
N ILE A 220 -34.99 -8.30 22.38
CA ILE A 220 -34.71 -6.91 22.04
C ILE A 220 -35.70 -5.96 22.71
N LEU A 221 -36.98 -6.31 22.73
CA LEU A 221 -37.98 -5.44 23.36
C LEU A 221 -37.79 -5.36 24.86
N ARG A 222 -37.19 -6.39 25.47
CA ARG A 222 -36.96 -6.36 26.92
C ARG A 222 -35.97 -5.26 27.29
N THR A 223 -34.99 -4.98 26.42
CA THR A 223 -34.05 -3.90 26.67
C THR A 223 -34.63 -2.53 26.37
N PHE A 224 -35.75 -2.47 25.65
CA PHE A 224 -36.35 -1.20 25.31
C PHE A 224 -36.94 -0.52 26.55
N THR A 225 -36.88 0.80 26.55
CA THR A 225 -37.47 1.60 27.61
C THR A 225 -37.78 2.99 27.05
N ARG A 226 -38.62 3.73 27.77
CA ARG A 226 -39.02 5.05 27.31
C ARG A 226 -37.87 6.05 27.32
N SER A 227 -36.80 5.76 28.03
CA SER A 227 -35.66 6.68 28.08
C SER A 227 -34.80 6.63 26.82
N THR A 228 -34.91 5.58 26.02
CA THR A 228 -34.11 5.46 24.81
C THR A 228 -34.57 6.46 23.76
N ARG A 229 -33.66 6.78 22.84
CA ARG A 229 -33.91 7.74 21.78
C ARG A 229 -34.05 7.04 20.43
N VAL A 230 -34.47 7.81 19.43
CA VAL A 230 -34.59 7.34 18.06
C VAL A 230 -33.62 8.15 17.20
N ILE A 231 -32.79 7.44 16.44
CA ILE A 231 -31.75 8.06 15.61
C ILE A 231 -32.08 7.82 14.15
N HIS A 232 -32.04 8.89 13.36
CA HIS A 232 -32.17 8.74 11.91
C HIS A 232 -30.87 8.22 11.34
N VAL A 233 -30.98 7.56 10.18
CA VAL A 233 -29.83 6.98 9.49
C VAL A 233 -29.95 7.30 8.01
N ARG A 234 -28.83 7.73 7.41
CA ARG A 234 -28.80 8.12 6.00
C ARG A 234 -27.78 7.25 5.28
N THR A 235 -28.25 6.32 4.45
CA THR A 235 -27.41 5.56 3.54
C THR A 235 -28.08 5.51 2.18
N LYS A 236 -27.34 5.88 1.14
CA LYS A 236 -27.87 5.98 -0.21
C LYS A 236 -29.10 6.87 -0.23
N GLU A 237 -30.29 6.26 -0.29
CA GLU A 237 -31.53 7.01 -0.21
C GLU A 237 -32.59 6.32 0.63
N GLN A 238 -32.27 5.16 1.25
CA GLN A 238 -33.27 4.43 2.02
C GLN A 238 -33.74 5.22 3.23
N ARG A 239 -32.83 5.89 3.92
CA ARG A 239 -33.13 6.72 5.09
C ARG A 239 -33.82 5.91 6.19
N LEU A 240 -33.09 4.93 6.72
CA LEU A 240 -33.59 4.14 7.83
C LEU A 240 -33.60 4.96 9.11
N SER A 241 -34.24 4.41 10.14
CA SER A 241 -34.33 5.08 11.44
C SER A 241 -34.70 4.05 12.49
N TYR A 242 -33.92 3.95 13.55
CA TYR A 242 -34.29 3.06 14.65
C TYR A 242 -33.51 3.46 15.91
N ALA A 243 -33.61 2.60 16.93
CA ALA A 243 -33.25 2.95 18.29
C ALA A 243 -31.74 3.10 18.49
N ALA A 244 -31.37 3.76 19.58
CA ALA A 244 -29.99 3.96 19.96
C ALA A 244 -29.41 2.82 20.77
N THR A 245 -30.22 1.85 21.16
CA THR A 245 -29.75 0.69 21.90
C THR A 245 -28.98 -0.29 21.03
N LEU A 246 -29.28 -0.32 19.72
CA LEU A 246 -28.69 -1.30 18.82
C LEU A 246 -27.46 -0.80 18.07
N LEU A 247 -27.23 0.50 18.01
CA LEU A 247 -26.14 1.06 17.24
C LEU A 247 -24.89 1.23 18.11
N LYS A 248 -23.73 1.06 17.50
CA LYS A 248 -22.44 1.24 18.14
C LYS A 248 -21.60 2.16 17.27
N PRO A 249 -20.70 2.94 17.87
CA PRO A 249 -19.79 3.74 17.05
C PRO A 249 -18.72 2.86 16.41
N LEU A 250 -18.30 3.26 15.21
CA LEU A 250 -17.34 2.49 14.46
C LEU A 250 -15.95 2.64 15.09
N CYS A 251 -15.23 1.52 15.20
CA CYS A 251 -13.88 1.50 15.75
C CYS A 251 -12.92 1.33 14.58
N THR A 252 -12.11 2.36 14.32
CA THR A 252 -11.10 2.33 13.28
C THR A 252 -9.91 3.16 13.75
N PHE A 253 -8.75 2.87 13.16
CA PHE A 253 -7.51 3.53 13.61
C PHE A 253 -7.59 5.04 13.49
N GLU A 254 -8.42 5.55 12.58
CA GLU A 254 -8.57 7.00 12.47
C GLU A 254 -9.28 7.57 13.69
N THR A 255 -10.37 6.93 14.12
CA THR A 255 -11.22 7.50 15.16
C THR A 255 -10.76 7.14 16.56
N MET A 256 -9.92 6.13 16.71
CA MET A 256 -9.51 5.68 18.03
C MET A 256 -8.64 6.74 18.73
N GLN A 257 -8.69 6.72 20.06
CA GLN A 257 -7.89 7.62 20.86
C GLN A 257 -6.43 7.24 20.78
N PRO A 258 -5.51 8.22 20.87
CA PRO A 258 -4.09 7.93 20.63
C PRO A 258 -3.51 6.85 21.52
N GLN A 259 -3.89 6.78 22.79
CA GLN A 259 -3.41 5.70 23.65
C GLN A 259 -3.93 4.35 23.16
N ASP A 260 -5.23 4.31 22.80
CA ASP A 260 -5.78 3.08 22.23
C ASP A 260 -5.12 2.75 20.91
N VAL A 261 -4.84 3.75 20.08
CA VAL A 261 -4.13 3.52 18.82
C VAL A 261 -2.78 2.86 19.09
N LEU A 262 -2.04 3.39 20.06
CA LEU A 262 -0.73 2.83 20.38
C LEU A 262 -0.85 1.38 20.84
N ASN A 263 -1.75 1.11 21.78
CA ASN A 263 -1.85 -0.25 22.31
C ASN A 263 -2.34 -1.25 21.26
N VAL A 264 -3.35 -0.87 20.48
CA VAL A 264 -3.90 -1.77 19.48
C VAL A 264 -2.91 -2.01 18.36
N SER A 265 -2.15 -0.99 17.97
CA SER A 265 -1.07 -1.22 17.01
C SER A 265 -0.03 -2.16 17.59
N LYS A 266 0.27 -2.03 18.88
CA LYS A 266 1.21 -2.97 19.49
C LYS A 266 0.66 -4.38 19.54
N CYS A 267 -0.67 -4.54 19.42
CA CYS A 267 -1.22 -5.90 19.45
C CYS A 267 -1.37 -6.54 18.07
N ILE A 268 -1.70 -5.78 17.03
CA ILE A 268 -2.01 -6.38 15.73
C ILE A 268 -0.76 -6.57 14.88
N LYS A 269 0.42 -6.40 15.48
CA LYS A 269 1.68 -6.54 14.76
C LYS A 269 2.34 -7.82 15.26
N LEU A 270 1.96 -8.94 14.65
CA LEU A 270 2.37 -10.26 15.07
C LEU A 270 3.63 -10.69 14.33
N SER A 271 4.38 -11.60 14.95
CA SER A 271 5.56 -12.14 14.31
C SER A 271 5.15 -13.12 13.21
N ALA A 272 6.14 -13.72 12.55
CA ALA A 272 5.85 -14.73 11.54
C ALA A 272 5.23 -15.97 12.17
N SER A 273 5.80 -16.44 13.28
CA SER A 273 5.33 -17.67 13.89
C SER A 273 3.86 -17.56 14.29
N LYS A 274 3.52 -16.52 15.04
CA LYS A 274 2.15 -16.41 15.54
C LYS A 274 1.15 -16.29 14.40
N ARG A 275 1.46 -15.44 13.42
CA ARG A 275 0.53 -15.21 12.32
C ARG A 275 0.31 -16.48 11.51
N MET A 276 1.39 -17.15 11.11
CA MET A 276 1.23 -18.36 10.28
C MET A 276 0.60 -19.50 11.07
N LYS A 277 1.00 -19.69 12.32
CA LYS A 277 0.42 -20.77 13.12
C LYS A 277 -1.07 -20.56 13.33
N CYS A 278 -1.49 -19.32 13.61
CA CYS A 278 -2.91 -19.04 13.76
C CYS A 278 -3.67 -19.31 12.46
N THR A 279 -3.11 -18.88 11.33
CA THR A 279 -3.78 -19.07 10.05
C THR A 279 -3.99 -20.55 9.76
N TYR A 280 -2.93 -21.35 9.96
CA TYR A 280 -3.02 -22.77 9.66
C TYR A 280 -3.92 -23.50 10.65
N ARG A 281 -3.93 -23.08 11.92
CA ARG A 281 -4.83 -23.69 12.90
C ARG A 281 -6.29 -23.51 12.48
N TRP A 282 -6.68 -22.29 12.14
CA TRP A 282 -8.06 -22.11 11.73
C TRP A 282 -8.39 -22.82 10.42
N ILE A 283 -7.43 -22.89 9.50
CA ILE A 283 -7.72 -23.55 8.22
C ILE A 283 -7.89 -25.05 8.42
N GLN A 284 -7.09 -25.65 9.29
CA GLN A 284 -7.27 -27.07 9.59
C GLN A 284 -8.61 -27.32 10.27
N GLN A 285 -9.01 -26.44 11.19
CA GLN A 285 -10.34 -26.56 11.80
C GLN A 285 -11.44 -26.49 10.75
N LEU A 286 -11.32 -25.57 9.78
CA LEU A 286 -12.34 -25.45 8.75
C LEU A 286 -12.40 -26.69 7.87
N ARG A 287 -11.24 -27.24 7.47
CA ARG A 287 -11.27 -28.40 6.59
C ARG A 287 -11.60 -29.69 7.32
N ALA A 288 -11.61 -29.69 8.65
CA ALA A 288 -12.11 -30.87 9.35
C ALA A 288 -13.62 -31.03 9.21
N GLN A 289 -14.32 -30.00 8.74
CA GLN A 289 -15.77 -30.06 8.57
C GLN A 289 -16.21 -29.97 7.12
N TYR A 290 -15.41 -29.35 6.25
CA TYR A 290 -15.73 -29.31 4.83
C TYR A 290 -15.57 -30.71 4.23
N ARG A 291 -16.46 -31.04 3.29
CA ARG A 291 -16.45 -32.38 2.74
C ARG A 291 -16.80 -32.45 1.26
N HIS A 292 -16.84 -31.32 0.56
CA HIS A 292 -17.00 -31.38 -0.89
C HIS A 292 -15.67 -31.59 -1.60
N LEU A 293 -14.56 -31.26 -0.94
CA LEU A 293 -13.23 -31.46 -1.49
C LEU A 293 -12.33 -32.06 -0.43
N THR A 294 -11.27 -32.72 -0.87
CA THR A 294 -10.31 -33.34 0.04
C THR A 294 -8.90 -32.87 -0.30
N PHE A 295 -8.03 -32.93 0.70
CA PHE A 295 -6.68 -32.43 0.62
C PHE A 295 -5.74 -33.41 1.29
N ALA A 296 -4.44 -33.16 1.14
CA ALA A 296 -3.44 -33.99 1.80
C ALA A 296 -3.45 -33.73 3.30
N PRO A 297 -2.85 -34.63 4.09
CA PRO A 297 -2.74 -34.34 5.54
C PRO A 297 -2.03 -33.04 5.85
N ASN A 298 -1.02 -32.67 5.05
CA ASN A 298 -0.35 -31.39 5.15
C ASN A 298 -0.36 -30.73 3.77
N PRO A 299 -1.39 -29.99 3.45
CA PRO A 299 -1.52 -29.45 2.09
C PRO A 299 -0.84 -28.10 1.88
N PHE A 300 0.02 -27.69 2.80
CA PHE A 300 0.50 -26.31 2.84
C PHE A 300 1.92 -26.12 2.31
N THR A 301 2.68 -27.19 2.13
CA THR A 301 4.00 -27.07 1.54
C THR A 301 3.88 -26.71 0.06
N ILE A 302 4.96 -26.18 -0.51
CA ILE A 302 4.92 -25.77 -1.91
C ILE A 302 5.02 -26.97 -2.84
N ALA A 303 5.52 -28.10 -2.36
CA ALA A 303 5.48 -29.33 -3.14
C ALA A 303 4.05 -29.75 -3.42
N GLN A 304 3.17 -29.63 -2.43
CA GLN A 304 1.75 -29.95 -2.62
C GLN A 304 1.06 -28.96 -3.55
N ASN A 305 1.61 -27.76 -3.72
CA ASN A 305 1.00 -26.72 -4.53
C ASN A 305 1.62 -26.60 -5.92
N GLY A 306 2.66 -27.37 -6.19
CA GLY A 306 3.36 -27.31 -7.47
C GLY A 306 4.20 -26.07 -7.71
N TYR A 307 4.96 -25.64 -6.71
CA TYR A 307 5.85 -24.49 -6.84
C TYR A 307 7.30 -24.95 -6.87
N LYS A 308 8.13 -24.13 -7.52
CA LYS A 308 9.57 -24.36 -7.59
C LYS A 308 10.28 -23.30 -6.77
N LEU A 309 11.32 -23.72 -6.04
CA LEU A 309 12.01 -22.86 -5.09
C LEU A 309 13.36 -22.42 -5.64
N ASP A 310 13.62 -21.12 -5.59
CA ASP A 310 14.89 -20.54 -6.02
C ASP A 310 15.34 -19.49 -5.01
N GLN A 311 16.65 -19.34 -4.86
CA GLN A 311 17.24 -18.35 -3.97
C GLN A 311 18.12 -17.41 -4.78
N LEU A 312 17.83 -16.12 -4.73
CA LEU A 312 18.61 -15.09 -5.41
C LEU A 312 19.66 -14.52 -4.45
N SER A 313 20.68 -13.90 -5.04
CA SER A 313 21.79 -13.34 -4.29
C SER A 313 21.80 -11.82 -4.43
N THR A 314 22.47 -11.17 -3.48
CA THR A 314 22.53 -9.72 -3.42
C THR A 314 23.42 -9.18 -4.51
N PRO A 315 22.95 -8.25 -5.35
CA PRO A 315 23.83 -7.67 -6.38
C PRO A 315 24.83 -6.70 -5.78
N LYS A 316 25.92 -6.48 -6.53
CA LYS A 316 26.91 -5.49 -6.15
C LYS A 316 26.55 -4.13 -6.75
N VAL A 317 26.99 -3.08 -6.08
CA VAL A 317 26.73 -1.72 -6.51
C VAL A 317 28.05 -1.02 -6.80
N HIS A 318 27.99 0.03 -7.61
CA HIS A 318 29.17 0.74 -8.09
C HIS A 318 29.12 2.18 -7.63
N PHE A 319 30.12 2.60 -6.85
CA PHE A 319 30.29 3.99 -6.47
C PHE A 319 31.48 4.61 -7.20
N HIS A 320 32.68 4.11 -6.93
CA HIS A 320 33.83 4.26 -7.81
C HIS A 320 34.58 2.96 -8.01
N ARG A 321 34.46 2.03 -7.07
CA ARG A 321 34.80 0.63 -7.23
C ARG A 321 33.60 -0.18 -6.77
N ASP A 322 33.62 -1.48 -7.06
CA ASP A 322 32.47 -2.32 -6.72
C ASP A 322 32.39 -2.56 -5.23
N TYR A 323 31.18 -2.47 -4.69
CA TYR A 323 30.91 -2.64 -3.27
C TYR A 323 29.87 -3.74 -3.06
N ALA A 324 30.00 -4.45 -1.94
CA ALA A 324 29.05 -5.52 -1.63
C ALA A 324 27.67 -4.96 -1.32
N THR A 325 27.60 -3.92 -0.49
CA THR A 325 26.34 -3.34 -0.05
C THR A 325 26.37 -1.83 -0.25
N VAL A 326 25.19 -1.22 -0.17
CA VAL A 326 25.07 0.22 -0.30
C VAL A 326 25.64 0.93 0.92
N VAL A 327 25.43 0.36 2.12
CA VAL A 327 25.85 1.04 3.35
C VAL A 327 27.36 1.19 3.39
N SER A 328 28.11 0.13 3.08
CA SER A 328 29.57 0.20 3.11
C SER A 328 30.08 1.18 2.06
N GLY A 329 29.49 1.16 0.87
CA GLY A 329 29.89 2.12 -0.16
C GLY A 329 29.66 3.54 0.27
N MET A 330 28.56 3.81 0.97
CA MET A 330 28.32 5.17 1.44
C MET A 330 29.25 5.53 2.59
N LYS A 331 29.63 4.55 3.40
CA LYS A 331 30.60 4.80 4.46
C LYS A 331 31.94 5.25 3.90
N THR A 332 32.50 4.45 2.98
CA THR A 332 33.91 4.64 2.59
C THR A 332 34.06 4.63 1.07
N GLY A 333 33.25 5.42 0.38
CA GLY A 333 33.31 5.48 -1.07
C GLY A 333 33.06 6.88 -1.57
N LYS A 334 33.22 7.05 -2.88
CA LYS A 334 32.94 8.29 -3.56
C LYS A 334 31.78 8.07 -4.53
N LEU A 335 30.97 9.10 -4.70
CA LEU A 335 29.75 8.96 -5.48
C LEU A 335 30.09 8.68 -6.95
N TYR A 336 29.15 8.02 -7.63
CA TYR A 336 29.35 7.65 -9.02
C TYR A 336 29.51 8.86 -9.91
N LYS A 337 28.71 9.91 -9.68
CA LYS A 337 28.78 11.12 -10.49
C LYS A 337 28.61 12.31 -9.56
N GLY A 338 29.70 13.00 -9.25
CA GLY A 338 29.67 14.16 -8.40
C GLY A 338 29.44 15.45 -9.17
N GLY A 339 29.85 16.55 -8.55
CA GLY A 339 29.74 17.85 -9.20
C GLY A 339 29.65 18.97 -8.18
N ASN A 340 29.13 20.10 -8.64
CA ASN A 340 28.97 21.29 -7.83
C ASN A 340 27.49 21.55 -7.59
N ILE A 341 27.15 21.98 -6.38
CA ILE A 341 25.78 22.22 -5.96
C ILE A 341 25.68 23.60 -5.37
N LYS A 342 24.71 24.38 -5.81
CA LYS A 342 24.48 25.74 -5.31
C LYS A 342 23.23 25.72 -4.44
N ILE A 343 23.43 25.85 -3.12
CA ILE A 343 22.35 25.72 -2.14
C ILE A 343 21.98 27.10 -1.60
N SER A 344 20.82 27.14 -0.96
CA SER A 344 20.31 28.34 -0.31
C SER A 344 19.79 27.96 1.07
N VAL A 345 19.34 28.97 1.82
CA VAL A 345 18.74 28.77 3.13
C VAL A 345 17.44 29.55 3.20
N LEU A 346 16.39 28.90 3.68
CA LEU A 346 15.10 29.54 3.96
C LEU A 346 14.84 29.35 5.45
N PHE A 347 15.36 30.28 6.25
CA PHE A 347 15.30 30.17 7.70
C PHE A 347 14.21 31.08 8.23
N ASP A 348 13.25 30.50 8.96
CA ASP A 348 12.21 31.28 9.60
C ASP A 348 12.62 31.67 11.01
N GLU A 349 12.28 32.89 11.41
CA GLU A 349 12.65 33.36 12.73
C GLU A 349 11.94 32.61 13.84
N ASP A 350 10.87 31.88 13.51
CA ASP A 350 10.15 31.08 14.49
C ASP A 350 11.01 30.02 15.15
N PHE A 351 12.05 29.51 14.47
CA PHE A 351 13.02 28.67 15.15
C PHE A 351 13.56 29.36 16.38
N TYR A 352 14.07 30.59 16.22
CA TYR A 352 14.63 31.31 17.35
C TYR A 352 13.55 31.72 18.35
N LEU A 353 12.39 32.15 17.87
CA LEU A 353 11.35 32.67 18.76
C LEU A 353 10.80 31.58 19.67
N LYS A 354 10.51 30.40 19.14
CA LYS A 354 9.84 29.37 19.92
C LYS A 354 10.76 28.26 20.40
N HIS A 355 11.84 27.94 19.67
CA HIS A 355 12.68 26.81 20.01
C HIS A 355 14.13 27.21 20.25
N HIS A 356 14.40 28.51 20.42
CA HIS A 356 15.72 29.07 20.70
C HIS A 356 16.80 28.38 19.88
N ILE A 357 16.67 28.50 18.56
CA ILE A 357 17.68 28.05 17.60
C ILE A 357 18.02 29.22 16.71
N THR A 358 19.28 29.65 16.76
CA THR A 358 19.71 30.82 16.01
C THR A 358 20.21 30.43 14.62
N LYS A 359 20.34 31.42 13.75
CA LYS A 359 20.84 31.17 12.41
C LYS A 359 22.28 30.68 12.44
N LYS A 360 23.04 31.04 13.47
CA LYS A 360 24.42 30.58 13.58
C LYS A 360 24.48 29.07 13.72
N ASP A 361 23.63 28.48 14.56
CA ASP A 361 23.64 27.03 14.71
C ASP A 361 23.17 26.34 13.42
N ILE A 362 22.22 26.95 12.71
CA ILE A 362 21.80 26.42 11.43
C ILE A 362 22.96 26.40 10.44
N TYR A 363 23.73 27.49 10.41
CA TYR A 363 24.84 27.53 9.46
C TYR A 363 25.97 26.62 9.88
N GLN A 364 26.15 26.37 11.17
CA GLN A 364 27.12 25.35 11.58
C GLN A 364 26.67 23.96 11.17
N PHE A 365 25.37 23.69 11.26
CA PHE A 365 24.82 22.43 10.75
C PHE A 365 25.09 22.29 9.25
N ILE A 366 24.86 23.36 8.49
CA ILE A 366 25.10 23.31 7.05
C ILE A 366 26.59 23.13 6.75
N ALA A 367 27.45 23.73 7.57
CA ALA A 367 28.88 23.56 7.40
C ALA A 367 29.29 22.11 7.62
N VAL A 368 28.71 21.45 8.64
CA VAL A 368 28.98 20.03 8.85
C VAL A 368 28.49 19.22 7.65
N LEU A 369 27.33 19.58 7.10
CA LEU A 369 26.86 18.93 5.88
C LEU A 369 27.87 19.07 4.75
N GLN A 370 28.40 20.28 4.55
CA GLN A 370 29.38 20.51 3.50
C GLN A 370 30.64 19.69 3.72
N LYS A 371 31.06 19.55 4.98
CA LYS A 371 32.26 18.78 5.28
C LYS A 371 32.06 17.29 5.03
N ILE A 372 30.86 16.78 5.32
CA ILE A 372 30.56 15.39 4.97
C ILE A 372 30.55 15.21 3.46
N ALA A 373 29.95 16.16 2.73
CA ALA A 373 29.79 15.98 1.29
C ALA A 373 31.13 16.02 0.55
N ILE A 374 32.13 16.72 1.09
CA ILE A 374 33.37 16.90 0.35
C ILE A 374 34.19 15.62 0.29
N ALA A 375 33.97 14.69 1.21
CA ALA A 375 34.65 13.40 1.15
C ALA A 375 34.00 12.45 0.14
N GLN A 376 32.84 12.82 -0.40
CA GLN A 376 32.15 12.01 -1.39
C GLN A 376 32.30 12.54 -2.80
N GLY A 377 33.19 13.51 -3.02
CA GLY A 377 33.35 14.08 -4.32
C GLY A 377 32.34 15.14 -4.70
N VAL A 378 31.58 15.64 -3.74
CA VAL A 378 30.57 16.68 -3.97
C VAL A 378 31.04 17.95 -3.29
N ASN A 379 31.06 19.04 -4.04
CA ASN A 379 31.47 20.36 -3.54
C ASN A 379 30.27 21.29 -3.66
N MET A 380 29.61 21.55 -2.54
CA MET A 380 28.44 22.40 -2.52
C MET A 380 28.71 23.69 -1.77
N THR A 381 28.27 24.81 -2.36
CA THR A 381 28.57 26.14 -1.84
C THR A 381 27.27 26.91 -1.60
N ILE A 382 27.27 27.70 -0.53
CA ILE A 382 26.10 28.49 -0.15
C ILE A 382 25.97 29.71 -1.05
N SER A 383 24.74 30.01 -1.44
CA SER A 383 24.49 31.17 -2.28
C SER A 383 24.78 32.46 -1.53
N THR A 384 25.11 33.51 -2.28
CA THR A 384 25.42 34.81 -1.73
C THR A 384 24.22 35.74 -1.68
N SER A 385 23.05 35.28 -2.12
CA SER A 385 21.84 36.09 -2.12
C SER A 385 21.04 35.93 -0.83
N THR A 386 21.64 35.36 0.21
CA THR A 386 20.98 35.15 1.49
C THR A 386 21.33 36.22 2.51
N LYS A 387 21.93 37.32 2.06
CA LYS A 387 22.26 38.44 2.94
C LYS A 387 21.37 39.65 2.74
N SER A 388 20.71 39.77 1.59
CA SER A 388 19.83 40.91 1.35
C SER A 388 18.57 40.84 2.21
N ILE A 389 17.90 39.69 2.21
CA ILE A 389 16.64 39.55 2.93
C ILE A 389 16.87 39.56 4.44
N THR A 390 17.95 38.92 4.89
CA THR A 390 18.26 38.76 6.30
C THR A 390 17.08 38.11 7.03
N GLY A 391 16.26 38.91 7.71
CA GLY A 391 15.07 38.40 8.35
C GLY A 391 13.80 38.74 7.61
N LYS A 392 13.24 37.77 6.89
CA LYS A 392 12.03 38.00 6.12
C LYS A 392 10.97 36.96 6.44
N PHE A 393 11.41 35.75 6.83
CA PHE A 393 10.50 34.65 7.07
C PHE A 393 10.06 34.68 8.54
N THR A 394 9.29 35.71 8.86
CA THR A 394 8.71 35.85 10.18
C THR A 394 7.44 35.00 10.28
N ASP A 395 6.85 34.97 11.48
CA ASP A 395 5.65 34.16 11.69
C ASP A 395 4.50 34.68 10.83
N ASP A 396 4.45 35.99 10.60
CA ASP A 396 3.42 36.54 9.73
C ASP A 396 3.69 36.25 8.26
N PHE A 397 4.92 35.91 7.90
CA PHE A 397 5.23 35.57 6.51
C PHE A 397 4.47 34.32 6.06
N PHE A 398 4.46 33.29 6.91
CA PHE A 398 3.82 32.03 6.54
C PHE A 398 2.31 32.12 6.52
N HIS A 399 1.73 33.13 7.16
CA HIS A 399 0.29 33.35 7.08
C HIS A 399 -0.12 34.05 5.80
N HIS A 400 0.84 34.54 5.02
CA HIS A 400 0.62 35.16 3.71
C HIS A 400 1.65 34.64 2.71
N PHE A 401 1.86 33.31 2.72
CA PHE A 401 2.90 32.72 1.88
C PHE A 401 2.61 32.95 0.40
N THR A 402 1.35 32.77 -0.02
CA THR A 402 1.03 32.94 -1.44
C THR A 402 1.18 34.39 -1.86
N GLU A 403 0.92 35.33 -0.96
CA GLU A 403 1.05 36.75 -1.31
C GLU A 403 2.50 37.20 -1.33
N GLU A 404 3.33 36.69 -0.42
CA GLU A 404 4.71 37.14 -0.27
C GLU A 404 5.71 36.26 -1.00
N VAL A 405 5.27 35.23 -1.72
CA VAL A 405 6.20 34.32 -2.37
C VAL A 405 6.64 34.79 -3.75
N GLU A 406 5.88 35.67 -4.41
CA GLU A 406 6.15 36.00 -5.80
C GLU A 406 7.51 36.68 -5.96
N ALA A 407 7.85 37.60 -5.06
CA ALA A 407 9.06 38.40 -5.22
C ALA A 407 10.33 37.63 -4.91
N LEU A 408 10.23 36.41 -4.39
CA LEU A 408 11.41 35.65 -3.97
C LEU A 408 12.03 34.82 -5.09
N GLN A 409 11.39 34.74 -6.25
CA GLN A 409 11.89 33.85 -7.32
C GLN A 409 13.29 34.21 -7.79
N PRO A 410 13.63 35.48 -8.08
CA PRO A 410 15.01 35.77 -8.51
C PRO A 410 16.05 35.39 -7.47
N ILE A 411 15.71 35.45 -6.18
CA ILE A 411 16.67 35.11 -5.14
C ILE A 411 17.02 33.63 -5.20
N PHE A 412 16.02 32.77 -5.38
CA PHE A 412 16.20 31.32 -5.35
C PHE A 412 16.32 30.71 -6.74
N ALA A 413 16.72 31.49 -7.73
CA ALA A 413 16.81 30.99 -9.10
C ALA A 413 18.06 30.13 -9.29
N GLN A 414 17.90 29.00 -9.97
CA GLN A 414 18.97 28.04 -10.23
C GLN A 414 19.74 27.69 -8.94
N THR A 415 19.03 27.04 -8.03
CA THR A 415 19.62 26.62 -6.76
C THR A 415 18.72 25.58 -6.11
N THR A 416 19.26 24.91 -5.11
CA THR A 416 18.52 23.94 -4.30
C THR A 416 18.29 24.56 -2.92
N VAL A 417 17.02 24.74 -2.56
CA VAL A 417 16.67 25.44 -1.33
C VAL A 417 16.63 24.48 -0.15
N LEU A 418 17.31 24.84 0.93
CA LEU A 418 17.25 24.11 2.18
C LEU A 418 16.27 24.84 3.09
N ALA A 419 15.00 24.45 3.02
CA ALA A 419 13.93 25.12 3.74
C ALA A 419 13.91 24.63 5.18
N PHE A 420 14.30 25.50 6.11
CA PHE A 420 14.17 25.23 7.53
C PHE A 420 12.86 25.84 8.01
N ILE A 421 11.86 25.00 8.25
CA ILE A 421 10.51 25.42 8.60
C ILE A 421 10.05 24.63 9.82
N THR A 422 9.42 25.32 10.76
CA THR A 422 8.93 24.66 11.97
C THR A 422 7.78 23.71 11.66
N SER A 423 7.76 22.57 12.34
CA SER A 423 6.81 21.51 12.04
C SER A 423 5.36 21.97 12.18
N THR A 424 5.11 22.92 13.08
CA THR A 424 3.76 23.43 13.25
C THR A 424 3.25 24.13 11.99
N HIS A 425 4.11 24.93 11.35
CA HIS A 425 3.71 25.60 10.12
C HIS A 425 3.44 24.61 9.01
N LEU A 426 4.25 23.56 8.91
CA LEU A 426 4.04 22.54 7.89
C LEU A 426 2.74 21.78 8.13
N SER A 427 2.43 21.49 9.39
CA SER A 427 1.30 20.62 9.71
C SER A 427 -0.03 21.36 9.77
N ASN A 428 -0.04 22.58 10.27
CA ASN A 428 -1.30 23.28 10.54
C ASN A 428 -2.05 23.56 9.23
N LYS A 429 -3.37 23.43 9.30
CA LYS A 429 -4.21 23.59 8.11
C LYS A 429 -4.38 25.04 7.70
N LYS A 430 -4.20 25.99 8.62
CA LYS A 430 -4.30 27.39 8.25
C LYS A 430 -3.10 27.84 7.43
N THR A 431 -1.91 27.35 7.77
CA THR A 431 -0.69 27.74 7.06
C THR A 431 -0.42 26.84 5.86
N ARG A 432 -0.36 25.52 6.09
CA ARG A 432 -0.06 24.54 5.06
C ARG A 432 1.28 24.85 4.38
N SER A 433 2.33 24.85 5.19
CA SER A 433 3.63 25.29 4.70
C SER A 433 4.25 24.28 3.73
N TYR A 434 4.16 22.98 4.04
CA TYR A 434 4.78 21.97 3.20
C TYR A 434 4.14 21.94 1.82
N GLN A 435 2.81 21.88 1.77
CA GLN A 435 2.12 21.80 0.48
C GLN A 435 2.37 23.03 -0.37
N LEU A 436 2.21 24.22 0.20
CA LEU A 436 2.44 25.44 -0.57
C LEU A 436 3.89 25.55 -1.01
N LEU A 437 4.82 25.22 -0.12
CA LEU A 437 6.24 25.28 -0.47
C LEU A 437 6.56 24.36 -1.64
N LYS A 438 6.06 23.13 -1.60
CA LYS A 438 6.32 22.20 -2.69
C LYS A 438 5.69 22.69 -3.98
N GLN A 439 4.38 22.97 -3.96
CA GLN A 439 3.69 23.38 -5.18
C GLN A 439 4.21 24.68 -5.76
N TYR A 440 4.88 25.51 -4.96
CA TYR A 440 5.48 26.71 -5.52
C TYR A 440 6.88 26.42 -6.05
N PHE A 441 7.79 26.00 -5.17
CA PHE A 441 9.18 25.82 -5.57
C PHE A 441 9.30 24.74 -6.64
N GLY A 442 8.91 23.51 -6.32
CA GLY A 442 9.10 22.44 -7.28
C GLY A 442 8.09 22.46 -8.41
N GLY A 443 6.92 23.04 -8.17
CA GLY A 443 5.87 23.04 -9.18
C GLY A 443 5.95 24.17 -10.17
N LYS A 444 5.92 25.41 -9.68
CA LYS A 444 5.83 26.55 -10.59
C LYS A 444 7.20 26.96 -11.13
N TRP A 445 8.25 26.71 -10.36
CA TRP A 445 9.57 27.23 -10.68
C TRP A 445 10.59 26.13 -10.98
N ASP A 446 10.23 24.86 -10.78
CA ASP A 446 11.13 23.73 -11.00
C ASP A 446 12.40 23.89 -10.17
N ILE A 447 12.25 24.31 -8.92
CA ILE A 447 13.36 24.54 -8.01
C ILE A 447 13.31 23.47 -6.93
N ALA A 448 14.34 22.63 -6.87
CA ALA A 448 14.38 21.58 -5.87
C ALA A 448 14.50 22.17 -4.48
N SER A 449 13.99 21.43 -3.49
CA SER A 449 14.07 21.87 -2.10
C SER A 449 13.98 20.66 -1.18
N GLN A 450 14.71 20.71 -0.09
CA GLN A 450 14.68 19.69 0.95
C GLN A 450 14.24 20.34 2.26
N VAL A 451 13.14 19.86 2.82
CA VAL A 451 12.57 20.42 4.03
C VAL A 451 13.23 19.75 5.23
N ILE A 452 13.56 20.55 6.24
CA ILE A 452 14.07 20.05 7.52
C ILE A 452 13.30 20.76 8.64
N THR A 453 12.68 19.99 9.52
CA THR A 453 11.91 20.55 10.63
C THR A 453 12.82 20.82 11.82
N GLU A 454 12.24 21.53 12.81
CA GLU A 454 12.98 21.84 14.03
C GLU A 454 13.33 20.60 14.82
N LYS A 455 12.61 19.49 14.61
CA LYS A 455 12.89 18.27 15.36
C LYS A 455 14.27 17.72 15.04
N THR A 456 14.67 17.75 13.76
CA THR A 456 15.98 17.25 13.37
C THR A 456 17.10 18.07 14.00
N ILE A 457 16.97 19.40 13.95
CA ILE A 457 18.01 20.26 14.51
C ILE A 457 18.05 20.12 16.03
N GLU A 458 16.90 19.96 16.68
CA GLU A 458 16.91 19.73 18.12
C GLU A 458 17.57 18.40 18.47
N ALA A 459 17.34 17.36 17.67
CA ALA A 459 18.04 16.10 17.91
C ALA A 459 19.54 16.26 17.74
N PHE A 460 19.97 16.99 16.71
CA PHE A 460 21.39 17.24 16.51
C PHE A 460 22.00 18.00 17.68
N GLN A 461 21.29 19.03 18.16
CA GLN A 461 21.79 19.79 19.30
C GLN A 461 21.84 18.95 20.57
N LYS A 462 20.85 18.09 20.77
CA LYS A 462 20.87 17.21 21.94
C LYS A 462 22.06 16.27 21.89
N ILE A 463 22.35 15.71 20.73
CA ILE A 463 23.49 14.80 20.61
C ILE A 463 24.80 15.56 20.80
N LEU A 464 24.86 16.81 20.33
CA LEU A 464 26.03 17.64 20.62
C LEU A 464 26.17 17.87 22.12
N HIS A 465 25.06 18.15 22.81
CA HIS A 465 25.09 18.37 24.25
C HIS A 465 25.50 17.12 25.01
N LYS A 466 25.22 15.93 24.47
CA LYS A 466 25.66 14.70 25.12
C LYS A 466 27.18 14.66 25.22
N HIS A 467 27.87 15.02 24.14
CA HIS A 467 29.32 15.10 24.13
C HIS A 467 29.74 16.53 24.47
N GLY A 468 31.01 16.86 24.25
CA GLY A 468 31.48 18.21 24.46
C GLY A 468 31.16 19.12 23.29
N LEU A 469 30.23 20.05 23.48
CA LEU A 469 29.87 20.98 22.41
C LEU A 469 31.03 21.92 22.09
N LYS A 470 31.66 22.46 23.12
CA LYS A 470 32.67 23.53 23.00
C LYS A 470 32.02 24.70 22.27
N ASN A 471 32.81 25.49 21.55
CA ASN A 471 32.32 26.61 20.75
C ASN A 471 32.63 26.29 19.30
N PHE A 472 31.59 26.03 18.51
CA PHE A 472 31.76 25.62 17.13
C PHE A 472 32.08 26.85 16.30
N TYR A 473 33.36 27.17 16.19
CA TYR A 473 33.77 28.38 15.49
C TYR A 473 33.45 28.27 14.01
N PRO A 474 33.01 29.35 13.37
CA PRO A 474 32.83 29.31 11.92
C PRO A 474 34.15 29.10 11.20
N ASN A 475 34.09 28.37 10.09
CA ASN A 475 35.26 28.06 9.27
C ASN A 475 36.35 27.38 10.08
N ASP A 476 35.94 26.47 10.96
CA ASP A 476 36.86 25.68 11.77
C ASP A 476 36.82 24.23 11.29
N GLU A 477 37.99 23.67 11.00
CA GLU A 477 38.10 22.32 10.46
C GLU A 477 38.23 21.25 11.54
N GLN A 478 39.04 21.50 12.58
CA GLN A 478 39.22 20.49 13.62
C GLN A 478 37.90 20.19 14.34
N HIS A 479 37.13 21.23 14.64
CA HIS A 479 35.87 21.02 15.37
C HIS A 479 34.84 20.30 14.51
N CYS A 480 34.72 20.66 13.22
CA CYS A 480 33.77 19.97 12.37
C CYS A 480 34.20 18.53 12.13
N LEU A 481 35.50 18.29 12.04
CA LEU A 481 35.99 16.90 11.93
C LEU A 481 35.66 16.11 13.20
N ARG A 482 35.80 16.74 14.37
CA ARG A 482 35.43 16.08 15.61
C ARG A 482 33.94 15.75 15.64
N VAL A 483 33.10 16.68 15.21
CA VAL A 483 31.67 16.43 15.16
C VAL A 483 31.34 15.32 14.18
N ILE A 484 32.04 15.28 13.04
CA ILE A 484 31.86 14.21 12.09
C ILE A 484 32.21 12.86 12.72
N ASP A 485 33.34 12.82 13.45
CA ASP A 485 33.75 11.58 14.10
C ASP A 485 32.74 11.14 15.14
N VAL A 486 32.19 12.07 15.93
CA VAL A 486 31.23 11.67 16.95
C VAL A 486 29.91 11.24 16.31
N LEU A 487 29.53 11.85 15.19
CA LEU A 487 28.33 11.41 14.47
C LEU A 487 28.53 10.09 13.75
N LYS A 488 29.78 9.69 13.49
CA LYS A 488 30.03 8.45 12.77
C LYS A 488 29.44 7.26 13.49
N ASN A 489 29.44 7.28 14.83
CA ASN A 489 28.91 6.20 15.63
C ASN A 489 27.51 6.48 16.16
N GLU A 490 26.89 7.58 15.76
CA GLU A 490 25.57 7.93 16.22
C GLU A 490 24.49 7.40 15.27
N SER A 491 23.26 7.35 15.78
CA SER A 491 22.11 7.00 14.95
C SER A 491 21.61 8.18 14.13
N PHE A 492 22.01 9.40 14.48
CA PHE A 492 21.71 10.58 13.67
C PHE A 492 22.50 10.59 12.38
N TYR A 493 23.51 9.71 12.27
CA TYR A 493 24.32 9.62 11.06
C TYR A 493 23.46 9.27 9.85
N TYR A 494 22.54 8.33 10.01
CA TYR A 494 21.65 7.96 8.92
C TYR A 494 20.70 9.08 8.56
N THR A 495 20.30 9.90 9.54
CA THR A 495 19.48 11.07 9.25
C THR A 495 20.25 12.07 8.38
N VAL A 496 21.50 12.34 8.75
CA VAL A 496 22.35 13.23 7.95
C VAL A 496 22.52 12.66 6.55
N MET A 497 22.74 11.35 6.45
CA MET A 497 23.02 10.74 5.16
C MET A 497 21.77 10.74 4.27
N ASN A 498 20.59 10.55 4.85
CA ASN A 498 19.36 10.63 4.10
C ASN A 498 19.11 12.05 3.59
N ILE A 499 19.40 13.06 4.43
CA ILE A 499 19.27 14.45 3.97
C ILE A 499 20.21 14.71 2.80
N LEU A 500 21.46 14.27 2.93
CA LEU A 500 22.44 14.49 1.87
C LEU A 500 22.05 13.77 0.58
N LEU A 501 21.56 12.53 0.70
CA LEU A 501 21.12 11.78 -0.48
C LEU A 501 19.95 12.46 -1.16
N GLY A 502 19.02 13.00 -0.39
CA GLY A 502 17.92 13.75 -0.98
C GLY A 502 18.40 14.99 -1.73
N VAL A 503 19.36 15.71 -1.15
CA VAL A 503 19.91 16.88 -1.82
C VAL A 503 20.64 16.47 -3.11
N TYR A 504 21.43 15.40 -3.04
CA TYR A 504 22.14 14.90 -4.22
C TYR A 504 21.18 14.58 -5.34
N VAL A 505 20.16 13.77 -5.06
CA VAL A 505 19.24 13.35 -6.10
C VAL A 505 18.45 14.53 -6.63
N LYS A 506 18.11 15.49 -5.77
CA LYS A 506 17.37 16.64 -6.24
C LYS A 506 18.23 17.64 -7.00
N SER A 507 19.55 17.52 -6.94
CA SER A 507 20.45 18.39 -7.69
C SER A 507 21.22 17.64 -8.78
N GLY A 508 20.72 16.48 -9.23
CA GLY A 508 21.27 15.80 -10.38
C GLY A 508 22.44 14.86 -10.14
N ILE A 509 22.75 14.55 -8.90
CA ILE A 509 23.84 13.65 -8.58
C ILE A 509 23.34 12.21 -8.63
N GLN A 510 24.17 11.32 -9.19
CA GLN A 510 23.87 9.90 -9.19
C GLN A 510 24.77 9.21 -8.18
N PRO A 511 24.25 8.75 -7.04
CA PRO A 511 25.16 8.19 -6.02
C PRO A 511 25.78 6.86 -6.41
N TRP A 512 25.02 5.95 -7.00
CA TRP A 512 25.56 4.64 -7.38
C TRP A 512 24.70 4.05 -8.48
N ILE A 513 25.24 3.01 -9.12
CA ILE A 513 24.56 2.21 -10.13
C ILE A 513 24.80 0.74 -9.82
N LEU A 514 24.18 -0.13 -10.59
CA LEU A 514 24.42 -1.56 -10.44
C LEU A 514 25.78 -1.94 -11.00
N ALA A 515 26.51 -2.80 -10.27
CA ALA A 515 27.84 -3.18 -10.71
C ALA A 515 27.80 -3.96 -12.02
N ASN A 516 26.87 -4.90 -12.14
CA ASN A 516 26.72 -5.74 -13.31
C ASN A 516 25.49 -5.35 -14.10
N THR A 517 25.55 -5.58 -15.40
CA THR A 517 24.46 -5.28 -16.31
C THR A 517 23.36 -6.31 -16.19
N THR A 518 22.12 -5.87 -16.38
CA THR A 518 20.97 -6.77 -16.34
C THR A 518 20.84 -7.51 -17.67
N HIS A 519 19.93 -8.49 -17.70
CA HIS A 519 19.67 -9.21 -18.93
C HIS A 519 18.99 -8.35 -19.98
N SER A 520 18.08 -7.48 -19.57
CA SER A 520 17.39 -6.61 -20.50
C SER A 520 18.19 -5.33 -20.75
N ASP A 521 17.92 -4.67 -21.88
CA ASP A 521 18.65 -3.47 -22.27
C ASP A 521 18.01 -2.19 -21.76
N CYS A 522 16.73 -2.21 -21.42
CA CYS A 522 16.01 -0.99 -21.09
C CYS A 522 14.71 -1.38 -20.42
N PHE A 523 14.28 -0.53 -19.49
CA PHE A 523 13.08 -0.78 -18.70
C PHE A 523 12.14 0.41 -18.82
N ILE A 524 10.86 0.12 -18.96
CA ILE A 524 9.81 1.14 -18.98
C ILE A 524 8.81 0.76 -17.91
N GLY A 525 8.53 1.68 -16.99
CA GLY A 525 7.58 1.46 -15.90
C GLY A 525 6.35 2.32 -16.10
N ILE A 526 5.18 1.70 -15.93
CA ILE A 526 3.90 2.40 -16.00
C ILE A 526 3.20 2.20 -14.68
N ASP A 527 2.69 3.29 -14.10
CA ASP A 527 1.90 3.20 -12.87
C ASP A 527 0.79 4.23 -12.97
N VAL A 528 -0.45 3.75 -12.93
CA VAL A 528 -1.64 4.60 -12.88
C VAL A 528 -2.20 4.50 -11.47
N SER A 529 -2.37 5.64 -10.80
CA SER A 529 -2.89 5.71 -9.44
C SER A 529 -4.16 6.56 -9.49
N HIS A 530 -5.28 5.93 -9.82
CA HIS A 530 -6.54 6.65 -9.98
C HIS A 530 -7.16 6.96 -8.63
N GLU A 531 -7.54 8.22 -8.44
CA GLU A 531 -8.17 8.66 -7.21
C GLU A 531 -9.03 9.90 -7.50
N ASN A 532 -10.17 9.98 -6.83
CA ASN A 532 -11.13 11.09 -6.99
C ASN A 532 -11.50 11.18 -8.46
N GLY A 533 -11.60 12.38 -9.03
CA GLY A 533 -11.93 12.53 -10.44
C GLY A 533 -10.75 12.93 -11.31
N ASN A 534 -9.54 12.72 -10.80
CA ASN A 534 -8.32 13.08 -11.52
C ASN A 534 -7.34 11.91 -11.42
N SER A 535 -7.16 11.20 -12.53
CA SER A 535 -6.30 10.01 -12.59
C SER A 535 -4.99 10.40 -13.25
N ALA A 536 -4.03 10.82 -12.43
CA ALA A 536 -2.67 11.08 -12.90
C ALA A 536 -1.87 9.78 -12.86
N ALA A 537 -0.79 9.75 -13.64
CA ALA A 537 0.04 8.56 -13.74
C ALA A 537 1.47 8.99 -14.12
N GLY A 538 2.41 8.09 -13.88
CA GLY A 538 3.80 8.39 -14.17
C GLY A 538 4.51 7.28 -14.93
N MET A 539 4.98 7.60 -16.14
CA MET A 539 5.72 6.65 -16.95
C MET A 539 7.20 6.98 -16.85
N MET A 540 8.01 5.99 -16.55
CA MET A 540 9.45 6.15 -16.41
C MET A 540 10.16 5.52 -17.59
N ASN A 541 11.49 5.65 -17.58
CA ASN A 541 12.36 4.98 -18.54
C ASN A 541 13.73 4.82 -17.87
N VAL A 542 13.96 3.67 -17.24
CA VAL A 542 15.27 3.43 -16.66
C VAL A 542 16.17 3.06 -17.82
N ILE A 543 16.80 4.09 -18.40
CA ILE A 543 17.48 3.95 -19.68
C ILE A 543 18.63 2.96 -19.57
N GLY A 544 19.34 2.98 -18.45
CA GLY A 544 20.44 2.07 -18.28
C GLY A 544 19.95 0.71 -17.88
N SER A 545 20.56 -0.34 -18.42
CA SER A 545 20.56 -1.62 -17.75
C SER A 545 21.47 -1.62 -16.54
N GLN A 546 22.04 -0.46 -16.21
CA GLN A 546 22.86 -0.26 -15.03
C GLN A 546 22.13 0.46 -13.92
N GLY A 547 21.07 1.20 -14.25
CA GLY A 547 20.28 1.88 -13.25
C GLY A 547 19.99 3.35 -13.50
N HIS A 548 20.48 3.90 -14.61
CA HIS A 548 20.27 5.31 -14.90
C HIS A 548 18.82 5.59 -15.27
N LEU A 549 18.42 6.85 -15.15
CA LEU A 549 17.12 7.33 -15.58
C LEU A 549 17.33 8.38 -16.66
N ILE A 550 16.44 8.43 -17.64
CA ILE A 550 16.55 9.35 -18.76
C ILE A 550 15.41 10.37 -18.78
N GLN A 551 14.18 9.92 -18.61
CA GLN A 551 13.03 10.80 -18.77
C GLN A 551 11.87 10.29 -17.95
N GLN A 552 10.83 11.11 -17.89
CA GLN A 552 9.57 10.77 -17.24
C GLN A 552 8.45 11.36 -18.08
N ALA A 553 7.22 11.00 -17.73
CA ALA A 553 6.09 11.40 -18.55
C ALA A 553 4.99 12.02 -17.71
N PRO A 554 4.23 12.96 -18.28
CA PRO A 554 3.08 13.52 -17.55
C PRO A 554 2.02 12.48 -17.28
N LEU A 555 1.52 11.83 -18.33
CA LEU A 555 0.60 10.70 -18.24
C LEU A 555 -0.58 11.02 -17.31
N ASN A 556 -1.39 11.98 -17.72
CA ASN A 556 -2.51 12.43 -16.91
C ASN A 556 -3.83 12.55 -17.65
N GLY A 557 -3.86 12.32 -18.97
CA GLY A 557 -5.11 12.41 -19.70
C GLY A 557 -6.11 11.34 -19.29
N ILE A 558 -5.63 10.16 -18.93
CA ILE A 558 -6.49 9.04 -18.57
C ILE A 558 -7.26 9.37 -17.31
N LEU A 559 -8.52 8.93 -17.25
CA LEU A 559 -9.37 9.20 -16.10
C LEU A 559 -10.16 7.94 -15.76
N ALA A 560 -10.56 7.85 -14.49
CA ALA A 560 -11.38 6.76 -13.96
C ALA A 560 -10.64 5.43 -13.95
N GLY A 561 -9.31 5.47 -14.05
CA GLY A 561 -8.51 4.27 -13.90
C GLY A 561 -8.76 3.21 -14.94
N GLU A 562 -9.18 3.60 -16.14
CA GLU A 562 -9.36 2.67 -17.24
C GLU A 562 -8.01 2.41 -17.91
N LYS A 563 -8.05 1.79 -19.07
CA LYS A 563 -6.83 1.55 -19.84
C LYS A 563 -6.29 2.86 -20.40
N ILE A 564 -4.97 2.91 -20.60
CA ILE A 564 -4.36 4.05 -21.25
C ILE A 564 -4.81 4.10 -22.70
N ASP A 565 -5.10 5.32 -23.17
CA ASP A 565 -5.52 5.49 -24.55
C ASP A 565 -4.44 5.01 -25.51
N ASP A 566 -4.86 4.43 -26.63
CA ASP A 566 -3.92 3.84 -27.57
C ASP A 566 -2.98 4.89 -28.16
N THR A 567 -3.52 6.04 -28.56
CA THR A 567 -2.69 7.06 -29.20
C THR A 567 -1.66 7.63 -28.23
N LEU A 568 -2.08 7.95 -27.01
CA LEU A 568 -1.17 8.51 -26.03
C LEU A 568 -0.09 7.51 -25.65
N LEU A 569 -0.46 6.24 -25.51
CA LEU A 569 0.53 5.20 -25.23
C LEU A 569 1.52 5.07 -26.39
N ALA A 570 1.03 5.14 -27.62
CA ALA A 570 1.93 5.08 -28.78
C ALA A 570 2.93 6.23 -28.74
N ASN A 571 2.45 7.45 -28.51
CA ASN A 571 3.35 8.59 -28.45
C ASN A 571 4.35 8.45 -27.32
N LEU A 572 3.92 7.91 -26.18
CA LEU A 572 4.82 7.83 -25.04
C LEU A 572 5.91 6.80 -25.26
N LEU A 573 5.58 5.62 -25.81
CA LEU A 573 6.63 4.67 -26.15
C LEU A 573 7.56 5.19 -27.24
N LYS A 574 7.01 5.91 -28.23
CA LYS A 574 7.88 6.50 -29.24
C LYS A 574 8.86 7.48 -28.60
N GLN A 575 8.36 8.32 -27.69
CA GLN A 575 9.24 9.29 -27.02
C GLN A 575 10.29 8.59 -26.17
N MET A 576 9.92 7.51 -25.48
CA MET A 576 10.90 6.80 -24.66
C MET A 576 11.98 6.17 -25.52
N ILE A 577 11.60 5.57 -26.65
CA ILE A 577 12.59 4.99 -27.55
C ILE A 577 13.51 6.06 -28.13
N LYS A 578 12.94 7.21 -28.52
CA LYS A 578 13.77 8.30 -29.01
C LYS A 578 14.73 8.80 -27.95
N ALA A 579 14.28 8.86 -26.69
CA ALA A 579 15.17 9.27 -25.61
C ALA A 579 16.33 8.30 -25.46
N TYR A 580 16.05 6.99 -25.52
CA TYR A 580 17.14 6.02 -25.45
C TYR A 580 18.10 6.22 -26.61
N HIS A 581 17.57 6.43 -27.82
CA HIS A 581 18.43 6.56 -28.98
C HIS A 581 19.30 7.81 -28.89
N THR A 582 18.73 8.92 -28.42
CA THR A 582 19.51 10.15 -28.34
C THR A 582 20.58 10.06 -27.25
N GLN A 583 20.28 9.42 -26.13
CA GLN A 583 21.27 9.45 -25.05
C GLN A 583 22.29 8.32 -25.21
N PHE A 584 21.98 7.28 -26.00
CA PHE A 584 22.90 6.17 -26.23
C PHE A 584 23.39 6.04 -27.66
N GLN A 585 22.85 6.80 -28.61
CA GLN A 585 23.27 6.75 -30.01
C GLN A 585 23.11 5.37 -30.62
N ARG A 586 22.08 4.64 -30.21
CA ARG A 586 21.74 3.33 -30.75
C ARG A 586 20.38 2.92 -30.21
N PHE A 587 19.76 1.97 -30.89
CA PHE A 587 18.50 1.43 -30.41
C PHE A 587 18.77 0.24 -29.49
N PRO A 588 17.90 0.00 -28.50
CA PRO A 588 18.09 -1.14 -27.61
C PRO A 588 17.64 -2.44 -28.25
N LYS A 589 18.32 -3.52 -27.86
CA LYS A 589 17.95 -4.84 -28.37
C LYS A 589 16.62 -5.32 -27.81
N HIS A 590 16.43 -5.21 -26.50
CA HIS A 590 15.25 -5.74 -25.83
C HIS A 590 14.77 -4.75 -24.78
N ILE A 591 13.46 -4.63 -24.65
CA ILE A 591 12.84 -3.72 -23.68
C ILE A 591 11.91 -4.54 -22.79
N THR A 592 12.08 -4.41 -21.48
CA THR A 592 11.19 -5.05 -20.51
C THR A 592 10.25 -4.01 -19.93
N ILE A 593 8.96 -4.26 -20.01
CA ILE A 593 7.93 -3.33 -19.56
C ILE A 593 7.38 -3.82 -18.23
N HIS A 594 7.45 -2.96 -17.21
CA HIS A 594 6.87 -3.24 -15.90
C HIS A 594 5.60 -2.43 -15.74
N ARG A 595 4.52 -3.10 -15.36
CA ARG A 595 3.22 -2.47 -15.18
C ARG A 595 2.78 -2.64 -13.73
N ASP A 596 2.26 -1.57 -13.14
CA ASP A 596 1.76 -1.61 -11.77
C ASP A 596 0.30 -2.05 -11.80
N GLY A 597 0.04 -3.28 -11.38
CA GLY A 597 -1.30 -3.82 -11.42
C GLY A 597 -1.47 -4.87 -12.50
N PHE A 598 -2.54 -4.74 -13.28
CA PHE A 598 -2.86 -5.68 -14.35
C PHE A 598 -2.74 -4.98 -15.70
N TRP A 599 -2.07 -5.63 -16.63
CA TRP A 599 -1.92 -5.07 -17.97
C TRP A 599 -3.26 -5.07 -18.68
N ARG A 600 -3.88 -3.90 -18.78
CA ARG A 600 -5.15 -3.76 -19.51
C ARG A 600 -4.98 -2.97 -20.80
N GLU A 601 -3.76 -2.71 -21.22
CA GLU A 601 -3.51 -1.98 -22.45
C GLU A 601 -3.60 -2.92 -23.65
N HIS A 602 -3.55 -2.34 -24.84
CA HIS A 602 -3.77 -3.07 -26.08
C HIS A 602 -2.41 -3.47 -26.65
N THR A 603 -2.14 -4.78 -26.70
CA THR A 603 -0.81 -5.27 -27.04
C THR A 603 -0.47 -5.08 -28.52
N ALA A 604 -1.47 -4.93 -29.38
CA ALA A 604 -1.19 -4.81 -30.81
C ALA A 604 -0.38 -3.57 -31.12
N LEU A 605 -0.70 -2.44 -30.47
CA LEU A 605 0.09 -1.23 -30.71
C LEU A 605 1.53 -1.40 -30.25
N VAL A 606 1.73 -2.04 -29.09
CA VAL A 606 3.09 -2.27 -28.62
C VAL A 606 3.86 -3.12 -29.62
N GLU A 607 3.22 -4.19 -30.10
CA GLU A 607 3.88 -5.08 -31.05
C GLU A 607 4.23 -4.35 -32.33
N LYS A 608 3.29 -3.58 -32.87
CA LYS A 608 3.55 -2.86 -34.12
C LYS A 608 4.68 -1.85 -33.94
N ILE A 609 4.61 -1.06 -32.88
CA ILE A 609 5.60 0.00 -32.67
C ILE A 609 6.98 -0.58 -32.49
N MET A 610 7.11 -1.64 -31.70
CA MET A 610 8.46 -2.16 -31.46
C MET A 610 8.90 -3.17 -32.51
N SER A 611 8.03 -3.55 -33.44
CA SER A 611 8.49 -4.26 -34.63
C SER A 611 8.94 -3.31 -35.72
N HIS A 612 8.38 -2.09 -35.76
CA HIS A 612 8.87 -1.09 -36.70
C HIS A 612 10.33 -0.73 -36.44
N TYR A 613 10.77 -0.79 -35.18
CA TYR A 613 12.15 -0.53 -34.83
C TYR A 613 12.98 -1.80 -34.65
N GLU A 614 12.37 -2.97 -34.79
CA GLU A 614 13.04 -4.27 -34.64
C GLU A 614 13.64 -4.42 -33.24
N ILE A 615 12.77 -4.38 -32.24
CA ILE A 615 13.15 -4.58 -30.85
C ILE A 615 12.27 -5.66 -30.26
N THR A 616 12.88 -6.65 -29.61
CA THR A 616 12.11 -7.62 -28.84
C THR A 616 11.61 -6.97 -27.55
N TYR A 617 10.52 -7.50 -27.01
CA TYR A 617 9.95 -6.92 -25.82
C TYR A 617 9.32 -7.99 -24.95
N ASP A 618 9.21 -7.68 -23.65
CA ASP A 618 8.47 -8.47 -22.69
C ASP A 618 7.63 -7.55 -21.82
N ILE A 619 6.48 -8.05 -21.38
CA ILE A 619 5.57 -7.31 -20.51
C ILE A 619 5.42 -8.12 -19.22
N VAL A 620 5.58 -7.43 -18.09
CA VAL A 620 5.57 -8.05 -16.77
C VAL A 620 4.61 -7.27 -15.89
N GLU A 621 3.80 -7.99 -15.12
CA GLU A 621 2.91 -7.39 -14.13
C GLU A 621 3.48 -7.62 -12.73
N ILE A 622 3.54 -6.56 -11.94
CA ILE A 622 3.97 -6.64 -10.54
C ILE A 622 2.77 -6.30 -9.67
N ILE A 623 2.47 -7.19 -8.73
CA ILE A 623 1.33 -7.03 -7.83
C ILE A 623 1.87 -6.69 -6.45
N LYS A 624 1.52 -5.50 -5.97
CA LYS A 624 2.02 -4.99 -4.69
C LYS A 624 1.44 -5.73 -3.50
N LYS A 625 0.16 -6.11 -3.54
CA LYS A 625 -0.52 -6.77 -2.44
C LYS A 625 -1.09 -8.10 -2.92
N PRO A 626 -0.29 -9.17 -2.88
CA PRO A 626 -0.75 -10.48 -3.35
C PRO A 626 -1.71 -11.18 -2.40
N ASN A 627 -1.87 -10.70 -1.18
CA ASN A 627 -2.71 -11.32 -0.15
C ASN A 627 -2.30 -12.76 0.14
N ARG A 628 -0.99 -13.00 0.17
CA ARG A 628 -0.45 -14.30 0.53
C ARG A 628 0.77 -14.09 1.40
N ARG A 629 1.22 -15.16 2.06
CA ARG A 629 2.39 -15.09 2.92
C ARG A 629 3.20 -16.36 2.77
N MET A 630 4.52 -16.21 2.70
CA MET A 630 5.44 -17.33 2.55
C MET A 630 6.38 -17.35 3.73
N ALA A 631 6.81 -18.54 4.14
CA ALA A 631 7.75 -18.66 5.23
C ALA A 631 8.36 -20.05 5.21
N PHE A 632 9.47 -20.20 5.92
CA PHE A 632 10.13 -21.49 6.11
C PHE A 632 9.84 -21.97 7.53
N PHE A 633 9.41 -23.22 7.63
CA PHE A 633 9.10 -23.84 8.92
C PHE A 633 10.29 -24.63 9.38
N ASN A 634 10.72 -24.40 10.61
CA ASN A 634 11.85 -25.11 11.20
C ASN A 634 11.30 -26.14 12.19
N SER A 635 11.34 -27.41 11.81
CA SER A 635 10.76 -28.45 12.65
C SER A 635 11.49 -28.63 13.98
N VAL A 636 12.80 -28.36 14.02
CA VAL A 636 13.55 -28.55 15.26
C VAL A 636 13.05 -27.59 16.34
N ASP A 637 12.78 -26.35 15.98
CA ASP A 637 12.36 -25.33 16.93
C ASP A 637 10.89 -24.95 16.81
N ASN A 638 10.20 -25.42 15.77
CA ASN A 638 8.78 -25.14 15.55
C ASN A 638 8.53 -23.63 15.42
N THR A 639 9.30 -23.01 14.53
CA THR A 639 9.23 -21.58 14.30
C THR A 639 9.22 -21.30 12.80
N PHE A 640 8.49 -20.26 12.40
CA PHE A 640 8.42 -19.82 11.02
C PHE A 640 9.37 -18.64 10.82
N SER A 641 10.16 -18.68 9.75
CA SER A 641 11.13 -17.65 9.43
C SER A 641 10.96 -17.23 7.98
N THR A 642 11.75 -16.24 7.57
CA THR A 642 11.68 -15.71 6.20
C THR A 642 13.08 -15.36 5.74
N ARG A 643 13.35 -15.56 4.45
CA ARG A 643 14.64 -15.27 3.86
C ARG A 643 14.46 -14.31 2.68
N GLN A 644 15.29 -13.28 2.63
CA GLN A 644 15.22 -12.31 1.55
C GLN A 644 15.79 -12.90 0.27
N GLY A 645 15.11 -12.62 -0.85
CA GLY A 645 15.53 -13.18 -2.11
C GLY A 645 15.07 -14.59 -2.37
N THR A 646 13.89 -14.96 -1.87
CA THR A 646 13.33 -16.28 -2.05
C THR A 646 12.23 -16.20 -3.11
N VAL A 647 12.21 -17.16 -4.03
CA VAL A 647 11.27 -17.16 -5.14
C VAL A 647 10.51 -18.49 -5.13
N TYR A 648 9.18 -18.39 -5.20
CA TYR A 648 8.32 -19.54 -5.48
C TYR A 648 7.82 -19.39 -6.91
N GLN A 649 8.02 -20.43 -7.72
CA GLN A 649 7.81 -20.36 -9.15
C GLN A 649 6.83 -21.45 -9.61
N ARG A 650 5.83 -21.06 -10.39
CA ARG A 650 4.87 -22.01 -10.95
C ARG A 650 4.35 -21.46 -12.27
N GLY A 651 4.82 -22.01 -13.38
CA GLY A 651 4.42 -21.50 -14.69
C GLY A 651 5.07 -20.16 -14.93
N ASN A 652 4.26 -19.17 -15.31
CA ASN A 652 4.73 -17.81 -15.52
C ASN A 652 4.28 -16.88 -14.40
N GLU A 653 4.22 -17.37 -13.17
CA GLU A 653 3.89 -16.57 -12.01
C GLU A 653 4.85 -16.91 -10.88
N ALA A 654 5.16 -15.91 -10.06
CA ALA A 654 6.15 -16.09 -9.00
C ALA A 654 5.81 -15.24 -7.79
N PHE A 655 6.36 -15.66 -6.65
CA PHE A 655 6.33 -14.89 -5.40
C PHE A 655 7.77 -14.63 -4.99
N LEU A 656 8.10 -13.38 -4.70
CA LEU A 656 9.44 -12.96 -4.33
C LEU A 656 9.42 -12.31 -2.95
N CYS A 657 10.38 -12.68 -2.11
CA CYS A 657 10.64 -12.02 -0.84
C CYS A 657 11.81 -11.06 -1.02
N ALA A 658 11.53 -9.76 -0.98
CA ALA A 658 12.50 -8.75 -1.36
C ALA A 658 12.82 -7.79 -0.21
N THR A 659 12.61 -8.24 1.03
CA THR A 659 12.80 -7.35 2.16
C THR A 659 13.01 -8.19 3.42
N ASN A 660 13.58 -7.56 4.44
CA ASN A 660 13.92 -8.24 5.69
C ASN A 660 13.57 -7.37 6.89
N PRO A 661 12.29 -7.28 7.24
CA PRO A 661 11.90 -6.55 8.45
C PRO A 661 12.17 -7.36 9.71
N GLN A 662 12.00 -6.70 10.85
CA GLN A 662 12.19 -7.32 12.16
C GLN A 662 10.84 -7.49 12.85
N GLN A 663 10.87 -8.28 13.93
CA GLN A 663 9.63 -8.75 14.56
C GLN A 663 8.76 -7.61 15.07
N LYS A 664 9.37 -6.48 15.44
CA LYS A 664 8.62 -5.40 16.05
C LYS A 664 7.67 -4.72 15.08
N VAL A 665 7.88 -4.86 13.77
CA VAL A 665 7.03 -4.22 12.78
C VAL A 665 6.11 -5.22 12.08
N GLY A 666 6.43 -6.51 12.08
CA GLY A 666 5.57 -7.49 11.46
C GLY A 666 6.30 -8.54 10.67
N MET A 667 5.72 -8.93 9.54
CA MET A 667 6.23 -10.02 8.72
C MET A 667 6.25 -9.57 7.27
N ALA A 668 7.22 -10.09 6.50
CA ALA A 668 7.48 -9.57 5.16
C ALA A 668 6.28 -9.76 4.23
N GLN A 669 6.08 -8.80 3.32
CA GLN A 669 5.05 -8.91 2.30
C GLN A 669 5.68 -9.37 0.99
N PRO A 670 5.29 -10.51 0.44
CA PRO A 670 5.83 -10.93 -0.85
C PRO A 670 5.35 -10.05 -1.99
N ILE A 671 6.06 -10.14 -3.11
CA ILE A 671 5.66 -9.52 -4.37
C ILE A 671 5.27 -10.62 -5.34
N LYS A 672 4.20 -10.41 -6.10
CA LYS A 672 3.79 -11.35 -7.13
C LYS A 672 4.17 -10.81 -8.50
N ILE A 673 4.80 -11.66 -9.31
CA ILE A 673 5.32 -11.31 -10.62
C ILE A 673 4.61 -12.18 -11.65
N HIS A 674 4.16 -11.57 -12.74
CA HIS A 674 3.42 -12.28 -13.79
C HIS A 674 3.87 -11.78 -15.16
N GLN A 675 4.44 -12.67 -15.96
CA GLN A 675 4.88 -12.36 -17.30
C GLN A 675 3.82 -12.79 -18.31
N VAL A 676 3.42 -11.87 -19.20
CA VAL A 676 2.36 -12.15 -20.14
C VAL A 676 2.87 -12.42 -21.55
N THR A 677 4.18 -12.40 -21.77
CA THR A 677 4.79 -12.70 -23.05
C THR A 677 5.74 -13.89 -22.89
N LYS A 678 6.53 -14.17 -23.93
CA LYS A 678 7.42 -15.31 -23.88
C LYS A 678 8.79 -15.05 -24.52
N THR A 679 9.16 -13.79 -24.73
CA THR A 679 10.41 -13.50 -25.44
C THR A 679 11.63 -13.98 -24.67
N LEU A 680 11.66 -13.78 -23.36
CA LEU A 680 12.80 -14.15 -22.54
C LEU A 680 12.41 -15.17 -21.48
N PRO A 681 13.39 -15.89 -20.92
CA PRO A 681 13.09 -16.78 -19.81
C PRO A 681 12.50 -16.04 -18.62
N PHE A 682 11.69 -16.75 -17.83
CA PHE A 682 11.05 -16.14 -16.68
C PHE A 682 12.03 -15.88 -15.54
N SER A 683 13.04 -16.75 -15.39
CA SER A 683 13.99 -16.57 -14.30
C SER A 683 14.78 -15.28 -14.45
N HIS A 684 15.16 -14.95 -15.69
CA HIS A 684 15.84 -13.69 -15.96
C HIS A 684 14.98 -12.49 -15.57
N ILE A 685 13.68 -12.57 -15.88
CA ILE A 685 12.75 -11.49 -15.52
C ILE A 685 12.64 -11.34 -14.01
N ILE A 686 12.55 -12.46 -13.28
CA ILE A 686 12.50 -12.40 -11.83
C ILE A 686 13.75 -11.74 -11.27
N GLU A 687 14.91 -12.13 -11.81
CA GLU A 687 16.17 -11.58 -11.31
C GLU A 687 16.27 -10.09 -11.60
N ASP A 688 15.81 -9.65 -12.76
CA ASP A 688 15.82 -8.22 -13.08
C ASP A 688 14.92 -7.44 -12.13
N VAL A 689 13.72 -7.97 -11.84
CA VAL A 689 12.83 -7.29 -10.90
C VAL A 689 13.49 -7.18 -9.53
N TYR A 690 14.14 -8.24 -9.08
CA TYR A 690 14.81 -8.18 -7.78
C TYR A 690 15.95 -7.17 -7.78
N ASN A 691 16.74 -7.13 -8.86
CA ASN A 691 17.94 -6.30 -8.87
C ASN A 691 17.63 -4.82 -9.03
N LEU A 692 16.52 -4.47 -9.69
CA LEU A 692 16.16 -3.06 -9.78
C LEU A 692 15.65 -2.49 -8.47
N SER A 693 15.49 -3.30 -7.43
CA SER A 693 15.06 -2.81 -6.13
C SER A 693 16.22 -2.37 -5.25
N PHE A 694 17.46 -2.43 -5.74
CA PHE A 694 18.62 -1.95 -5.01
C PHE A 694 19.04 -0.56 -5.45
N LEU A 695 18.22 0.11 -6.24
CA LEU A 695 18.50 1.46 -6.75
C LEU A 695 17.77 2.52 -5.94
N HIS A 696 17.72 2.37 -4.62
CA HIS A 696 17.09 3.35 -3.74
C HIS A 696 18.09 4.47 -3.43
N ILE A 697 18.28 5.34 -4.41
CA ILE A 697 19.37 6.32 -4.38
C ILE A 697 18.97 7.53 -3.53
N HIS A 698 17.77 7.49 -2.96
CA HIS A 698 17.27 8.55 -2.10
C HIS A 698 17.31 8.20 -0.63
N ALA A 699 17.54 6.92 -0.28
CA ALA A 699 17.45 6.48 1.10
C ALA A 699 18.55 5.47 1.37
N MET A 700 18.97 5.40 2.62
CA MET A 700 20.05 4.49 3.01
C MET A 700 19.54 3.07 3.19
N ASN A 701 18.27 2.91 3.54
CA ASN A 701 17.66 1.62 3.79
C ASN A 701 16.78 1.17 2.62
N LYS A 702 16.60 -0.14 2.51
CA LYS A 702 16.13 -0.75 1.28
C LYS A 702 14.61 -0.67 1.14
N MET A 703 14.16 -0.38 -0.08
CA MET A 703 12.76 -0.42 -0.47
C MET A 703 12.39 -1.82 -0.98
N ARG A 704 11.08 -2.04 -1.11
CA ARG A 704 10.59 -3.37 -1.48
C ARG A 704 10.39 -3.53 -2.98
N LEU A 705 9.84 -2.52 -3.65
CA LEU A 705 9.57 -2.63 -5.07
C LEU A 705 10.79 -2.23 -5.90
N PRO A 706 10.85 -2.65 -7.16
CA PRO A 706 11.89 -2.15 -8.05
C PRO A 706 11.69 -0.67 -8.37
N ALA A 707 12.77 -0.06 -8.87
CA ALA A 707 12.77 1.39 -9.07
C ALA A 707 11.72 1.83 -10.09
N THR A 708 11.52 1.03 -11.13
CA THR A 708 10.65 1.44 -12.24
C THR A 708 9.23 1.78 -11.78
N ILE A 709 8.74 1.14 -10.72
CA ILE A 709 7.40 1.40 -10.25
C ILE A 709 7.39 2.09 -8.89
N HIS A 710 8.43 1.93 -8.08
CA HIS A 710 8.50 2.71 -6.84
C HIS A 710 8.61 4.20 -7.15
N TYR A 711 9.57 4.58 -8.00
CA TYR A 711 9.65 5.97 -8.36
C TYR A 711 8.47 6.40 -9.21
N ALA A 712 7.84 5.47 -9.94
CA ALA A 712 6.64 5.80 -10.69
C ALA A 712 5.47 6.16 -9.77
N ASP A 713 5.27 5.39 -8.69
CA ASP A 713 4.20 5.71 -7.76
C ASP A 713 4.49 6.99 -7.00
N LEU A 714 5.76 7.23 -6.64
CA LEU A 714 6.12 8.51 -6.03
C LEU A 714 5.83 9.68 -6.97
N SER A 715 6.21 9.53 -8.25
CA SER A 715 5.97 10.59 -9.22
C SER A 715 4.48 10.82 -9.45
N ALA A 716 3.70 9.74 -9.52
CA ALA A 716 2.26 9.89 -9.69
C ALA A 716 1.62 10.55 -8.49
N THR A 717 2.06 10.19 -7.28
CA THR A 717 1.56 10.84 -6.08
C THR A 717 1.89 12.33 -6.09
N ALA A 718 3.11 12.69 -6.49
CA ALA A 718 3.47 14.09 -6.59
C ALA A 718 2.63 14.80 -7.65
N TYR A 719 2.33 14.12 -8.75
CA TYR A 719 1.57 14.74 -9.83
C TYR A 719 0.13 14.98 -9.44
N GLN A 720 -0.50 14.02 -8.76
CA GLN A 720 -1.89 14.20 -8.35
C GLN A 720 -2.04 15.36 -7.39
N ARG A 721 -1.08 15.53 -6.48
CA ARG A 721 -1.14 16.60 -5.49
C ARG A 721 -0.84 17.98 -6.07
N GLY A 722 -0.48 18.06 -7.35
CA GLY A 722 -0.21 19.33 -8.00
C GLY A 722 1.18 19.88 -7.78
N GLN A 723 2.03 19.17 -7.05
CA GLN A 723 3.40 19.61 -6.82
C GLN A 723 4.25 19.40 -8.06
N ASN A 730 20.15 16.73 -20.02
CA ASN A 730 19.43 15.99 -18.98
C ASN A 730 19.53 16.72 -17.65
N GLN A 731 18.46 17.43 -17.28
CA GLN A 731 18.44 18.20 -16.05
C GLN A 731 17.87 17.33 -14.92
N THR A 732 17.57 17.97 -13.78
CA THR A 732 17.05 17.24 -12.63
C THR A 732 15.76 16.51 -12.99
N ASN A 733 15.67 15.25 -12.58
CA ASN A 733 14.56 14.40 -12.99
C ASN A 733 13.89 13.63 -11.86
N LEU A 734 14.40 13.65 -10.65
CA LEU A 734 13.75 12.99 -9.52
C LEU A 734 13.68 13.97 -8.35
N PRO A 735 12.83 15.01 -8.45
CA PRO A 735 12.64 15.94 -7.34
C PRO A 735 11.48 15.57 -6.42
N PHE A 736 11.43 14.31 -5.99
CA PHE A 736 10.37 13.89 -5.07
C PHE A 736 10.91 12.99 -3.96
N VAL A 737 12.03 13.37 -3.36
CA VAL A 737 12.56 12.63 -2.21
C VAL A 737 11.84 13.03 -0.91
#